data_1MS0
#
_entry.id   1MS0
#
_cell.length_a   65.222
_cell.length_b   133.374
_cell.length_c   90.606
_cell.angle_alpha   90.00
_cell.angle_beta   91.41
_cell.angle_gamma   90.00
#
_symmetry.space_group_name_H-M   'P 1 21 1'
#
loop_
_entity.id
_entity.type
_entity.pdbx_description
1 polymer trans-sialidase
2 branched beta-D-galactopyranose-(1-4)-beta-D-glucopyranose
3 non-polymer '2-DEOXY-2,3-DEHYDRO-N-ACETYL-NEURAMINIC ACID'
4 water water
#
_entity_poly.entity_id   1
_entity_poly.type   'polypeptide(L)'
_entity_poly.pdbx_seq_one_letter_code
;MGGSHHHHHHGMASLAPGSSRVELFKRQSSKVPFEKDGKVTERVVHSFRLPALVNVDGVMVAIADARYETSFDNSLIDTV
AKYSVDDGETWETQIAIKNSRASSVSRVVDPTVIVKGNKLYVLVGSYNSSRSYWTSHGDARDWDILLAVGEVTKSTAGGK
ITASIKWGSPVSLKEFFPAEMEGMHTNQFLGGAGVAIVASNGNLVYPVQVTNKKKQVFSKIFYSEDEGKTWKFGKGRSAF
GCSEPVALEWEGKLIINTRVDYRRRLVYESSDMGNTWLEAVGTLSRVWGPSPKSNQPGSQSSFTAVTIEGMRVMLFTHPL
NFKGRWLRDRLNLWLTDNQRIYNVGQVSIGDENSAYSSVLYKDDKLYCLHEINSNEVYSLVFARLVGELRIIKSVLQSWK
NWDSHLSSICTPADPAASSSERGCGPAVTTVGLVGFLSHSATKTEWEDAYRCVNASTANAERVPNGLKFAGVGGGALWPV
SQQGQNQRYHFANHAFTLVASVTIHEVPKGASPLLGASLDSSGGKKLLGLSYDKRHQWQPIYGSTPVTPTGSWEMGKRYH
VVLTMANKIGSVYIDGEPLEGSGQTVVPDERTPDISHFYVGGYKRSGMPTDSRVTVNNVLLYNRQLNAEEIRTLFLSQDL
IGTEAHMD
;
_entity_poly.pdbx_strand_id   A,B
#
# COMPACT_ATOMS: atom_id res chain seq x y z
N LEU A 15 11.43 -1.79 5.45
CA LEU A 15 10.54 -0.95 6.30
C LEU A 15 10.64 -1.40 7.76
N ALA A 16 11.05 -0.51 8.65
CA ALA A 16 11.27 -0.87 10.06
C ALA A 16 10.02 -1.44 10.78
N PRO A 17 10.24 -2.11 11.92
CA PRO A 17 9.12 -2.68 12.70
C PRO A 17 8.25 -1.60 13.29
N GLY A 18 6.95 -1.66 12.98
CA GLY A 18 6.00 -0.67 13.46
C GLY A 18 5.54 0.28 12.38
N SER A 19 6.17 0.20 11.21
CA SER A 19 5.81 1.09 10.09
C SER A 19 4.96 0.33 9.06
N SER A 20 4.21 1.06 8.23
CA SER A 20 3.27 0.45 7.27
C SER A 20 3.04 1.31 6.02
N ARG A 21 2.38 0.77 5.00
CA ARG A 21 2.14 1.52 3.78
C ARG A 21 0.90 1.10 2.96
N VAL A 22 0.54 1.92 1.98
CA VAL A 22 -0.49 1.56 0.99
C VAL A 22 0.00 1.96 -0.40
N GLU A 23 -0.57 1.35 -1.43
CA GLU A 23 -0.26 1.73 -2.80
C GLU A 23 -1.19 2.87 -3.20
N LEU A 24 -0.72 4.12 -3.20
CA LEU A 24 -1.58 5.27 -3.49
C LEU A 24 -1.90 5.64 -4.96
N PHE A 25 -0.88 5.78 -5.81
CA PHE A 25 -1.09 6.00 -7.25
C PHE A 25 -0.82 4.60 -7.81
N LYS A 26 -1.90 3.92 -8.18
CA LYS A 26 -1.85 2.50 -8.51
C LYS A 26 -1.75 2.25 -10.02
N ARG A 27 -0.61 1.71 -10.45
CA ARG A 27 -0.36 1.45 -11.87
C ARG A 27 -1.48 0.68 -12.52
N GLN A 28 -1.83 1.10 -13.73
CA GLN A 28 -2.86 0.45 -14.50
C GLN A 28 -4.20 0.31 -13.75
N SER A 29 -4.50 1.30 -12.89
CA SER A 29 -5.74 1.28 -12.08
C SER A 29 -6.31 2.65 -11.73
N SER A 30 -5.55 3.50 -11.05
CA SER A 30 -6.05 4.82 -10.68
C SER A 30 -6.34 5.67 -11.94
N LYS A 31 -7.40 6.49 -11.90
CA LYS A 31 -7.80 7.36 -13.02
C LYS A 31 -7.73 8.87 -12.68
N VAL A 32 -7.65 9.69 -13.72
CA VAL A 32 -7.49 11.13 -13.57
C VAL A 32 -8.37 11.79 -14.60
N PRO A 33 -8.76 13.05 -14.35
CA PRO A 33 -9.63 13.80 -15.27
C PRO A 33 -8.94 14.35 -16.52
N PHE A 34 -8.87 13.57 -17.59
CA PHE A 34 -8.25 13.97 -18.86
C PHE A 34 -9.13 14.94 -19.69
N GLU A 35 -8.62 16.13 -19.97
CA GLU A 35 -9.35 17.13 -20.72
C GLU A 35 -8.80 17.24 -22.13
N LYS A 36 -9.72 17.27 -23.11
CA LYS A 36 -9.39 17.48 -24.51
C LYS A 36 -10.58 18.09 -25.24
N ASP A 37 -10.33 19.10 -26.08
CA ASP A 37 -11.38 19.73 -26.90
C ASP A 37 -12.61 20.21 -26.09
N GLY A 38 -12.39 20.74 -24.89
CA GLY A 38 -13.51 21.14 -24.06
C GLY A 38 -14.26 19.99 -23.39
N LYS A 39 -13.82 18.75 -23.62
CA LYS A 39 -14.43 17.58 -22.97
C LYS A 39 -13.49 16.99 -21.90
N VAL A 40 -14.06 16.47 -20.81
CA VAL A 40 -13.30 15.84 -19.73
C VAL A 40 -13.67 14.38 -19.49
N THR A 41 -12.69 13.47 -19.42
CA THR A 41 -13.01 12.05 -19.14
C THR A 41 -12.09 11.30 -18.16
N GLU A 42 -12.69 10.46 -17.31
CA GLU A 42 -11.91 9.67 -16.36
C GLU A 42 -11.08 8.58 -17.06
N ARG A 43 -9.76 8.73 -17.05
CA ARG A 43 -8.85 7.87 -17.82
C ARG A 43 -7.82 7.09 -16.99
N VAL A 44 -7.76 5.77 -17.22
CA VAL A 44 -6.79 4.89 -16.55
C VAL A 44 -5.37 5.16 -17.05
N VAL A 45 -4.43 5.18 -16.10
CA VAL A 45 -3.02 5.54 -16.36
C VAL A 45 -2.06 4.37 -16.23
N HIS A 46 -1.15 4.23 -17.19
CA HIS A 46 -0.11 3.18 -17.12
C HIS A 46 0.87 3.39 -15.97
N SER A 47 1.60 4.50 -15.95
CA SER A 47 2.63 4.62 -14.91
C SER A 47 2.66 5.94 -14.18
N PHE A 48 3.07 5.90 -12.92
CA PHE A 48 3.25 7.13 -12.15
C PHE A 48 4.72 7.24 -11.76
N ARG A 49 5.34 8.41 -11.95
CA ARG A 49 6.73 8.62 -11.52
C ARG A 49 6.99 10.04 -10.96
N LEU A 50 8.23 10.31 -10.53
CA LEU A 50 8.69 11.62 -10.05
C LEU A 50 7.88 12.24 -8.90
N PRO A 51 7.80 11.52 -7.79
CA PRO A 51 6.97 11.93 -6.65
C PRO A 51 7.53 13.13 -5.92
N ALA A 52 6.63 13.95 -5.38
CA ALA A 52 6.94 15.18 -4.62
C ALA A 52 5.88 15.38 -3.51
N LEU A 53 6.27 15.33 -2.24
CA LEU A 53 5.26 15.34 -1.16
C LEU A 53 5.43 16.48 -0.15
N VAL A 54 4.40 17.32 0.01
CA VAL A 54 4.55 18.50 0.87
C VAL A 54 3.35 18.85 1.76
N ASN A 55 3.54 19.87 2.59
CA ASN A 55 2.53 20.37 3.53
C ASN A 55 2.15 21.84 3.31
N VAL A 56 0.90 22.11 2.98
CA VAL A 56 0.45 23.49 2.79
C VAL A 56 -0.55 23.95 3.85
N ASP A 57 -0.05 24.62 4.88
CA ASP A 57 -0.90 25.21 5.92
C ASP A 57 -1.91 24.26 6.54
N GLY A 58 -1.56 22.98 6.70
CA GLY A 58 -2.49 21.98 7.22
C GLY A 58 -2.91 20.93 6.18
N VAL A 59 -2.72 21.24 4.90
CA VAL A 59 -3.14 20.30 3.87
C VAL A 59 -2.00 19.53 3.19
N MET A 60 -2.03 18.20 3.24
CA MET A 60 -1.00 17.36 2.60
C MET A 60 -1.20 17.38 1.09
N VAL A 61 -0.14 17.59 0.31
CA VAL A 61 -0.26 17.54 -1.17
C VAL A 61 0.79 16.62 -1.85
N ALA A 62 0.35 15.84 -2.83
CA ALA A 62 1.27 14.94 -3.50
C ALA A 62 1.23 15.17 -4.99
N ILE A 63 2.38 15.41 -5.59
CA ILE A 63 2.44 15.73 -7.02
C ILE A 63 3.36 14.78 -7.78
N ALA A 64 3.12 14.60 -9.08
CA ALA A 64 3.92 13.66 -9.88
C ALA A 64 3.62 13.66 -11.38
N ASP A 65 4.22 12.71 -12.08
CA ASP A 65 4.00 12.47 -13.51
C ASP A 65 2.91 11.43 -13.72
N ALA A 66 1.99 11.72 -14.63
CA ALA A 66 1.02 10.72 -15.08
C ALA A 66 1.44 10.26 -16.50
N ARG A 67 2.01 9.06 -16.59
CA ARG A 67 2.43 8.56 -17.90
C ARG A 67 1.30 7.70 -18.49
N TYR A 68 0.45 8.37 -19.27
CA TYR A 68 -0.76 7.75 -19.82
C TYR A 68 -0.57 6.41 -20.54
N GLU A 69 0.31 6.34 -21.54
CA GLU A 69 0.43 5.14 -22.39
C GLU A 69 1.58 4.18 -22.13
N THR A 70 2.69 4.65 -21.59
CA THR A 70 3.85 3.79 -21.40
C THR A 70 4.82 4.49 -20.46
N SER A 71 5.79 3.77 -19.89
CA SER A 71 6.74 4.41 -18.96
C SER A 71 7.89 5.10 -19.66
N PHE A 72 7.97 4.93 -20.98
CA PHE A 72 9.05 5.50 -21.80
C PHE A 72 9.04 7.01 -21.57
N ASP A 73 10.23 7.58 -21.37
CA ASP A 73 10.34 9.00 -21.05
C ASP A 73 9.73 9.95 -22.08
N ASN A 74 9.78 9.60 -23.37
CA ASN A 74 9.24 10.52 -24.37
C ASN A 74 7.88 10.12 -24.93
N SER A 75 6.82 10.25 -24.10
CA SER A 75 5.46 9.85 -24.45
C SER A 75 4.49 10.83 -23.80
N LEU A 76 3.18 10.52 -23.87
CA LEU A 76 2.11 11.41 -23.33
C LEU A 76 2.05 11.57 -21.77
N ILE A 77 2.25 12.80 -21.27
CA ILE A 77 2.30 13.06 -19.82
C ILE A 77 1.69 14.39 -19.34
N ASP A 78 0.81 14.30 -18.34
CA ASP A 78 0.27 15.44 -17.64
C ASP A 78 0.78 15.39 -16.18
N THR A 79 0.70 16.52 -15.47
CA THR A 79 1.03 16.62 -14.05
C THR A 79 -0.21 16.48 -13.15
N VAL A 80 -0.27 15.41 -12.36
CA VAL A 80 -1.43 15.15 -11.51
C VAL A 80 -1.21 15.60 -10.04
N ALA A 81 -2.29 15.95 -9.33
CA ALA A 81 -2.18 16.22 -7.89
C ALA A 81 -3.25 15.48 -7.06
N LYS A 82 -2.90 15.17 -5.81
CA LYS A 82 -3.78 14.52 -4.86
C LYS A 82 -3.63 15.25 -3.52
N TYR A 83 -4.69 15.36 -2.73
CA TYR A 83 -4.59 16.10 -1.47
C TYR A 83 -5.56 15.61 -0.40
N SER A 84 -5.20 15.86 0.86
CA SER A 84 -5.92 15.35 2.02
C SER A 84 -5.88 16.27 3.24
N VAL A 85 -6.97 16.33 4.00
CA VAL A 85 -6.98 17.11 5.24
C VAL A 85 -7.03 16.21 6.44
N ASP A 86 -6.84 14.91 6.26
CA ASP A 86 -6.82 14.01 7.40
C ASP A 86 -5.55 13.19 7.51
N ASP A 87 -4.44 13.82 7.16
CA ASP A 87 -3.13 13.15 7.24
C ASP A 87 -3.02 11.82 6.47
N GLY A 88 -3.71 11.69 5.35
CA GLY A 88 -3.48 10.52 4.53
C GLY A 88 -4.44 9.35 4.54
N GLU A 89 -5.53 9.45 5.29
CA GLU A 89 -6.52 8.39 5.20
C GLU A 89 -7.33 8.55 3.89
N THR A 90 -7.80 9.76 3.55
CA THR A 90 -8.50 9.97 2.27
C THR A 90 -7.93 11.09 1.38
N TRP A 91 -8.12 10.95 0.07
CA TRP A 91 -7.59 11.92 -0.88
C TRP A 91 -8.57 12.32 -2.00
N GLU A 92 -8.40 13.51 -2.57
CA GLU A 92 -9.13 13.96 -3.76
C GLU A 92 -8.12 13.98 -4.93
N THR A 93 -8.58 13.96 -6.16
CA THR A 93 -7.66 13.84 -7.29
C THR A 93 -7.89 14.90 -8.36
N GLN A 94 -6.83 15.40 -8.96
CA GLN A 94 -6.96 16.38 -10.05
C GLN A 94 -5.72 16.48 -10.96
N ILE A 95 -5.89 17.11 -12.12
CA ILE A 95 -4.77 17.41 -12.98
C ILE A 95 -4.44 18.88 -12.73
N ALA A 96 -3.20 19.15 -12.38
CA ALA A 96 -2.75 20.48 -12.06
C ALA A 96 -2.24 21.26 -13.26
N ILE A 97 -1.59 20.56 -14.21
CA ILE A 97 -1.01 21.18 -15.42
C ILE A 97 -1.18 20.30 -16.68
N LYS A 98 -1.86 20.78 -17.72
CA LYS A 98 -1.94 19.97 -18.96
C LYS A 98 -0.95 20.39 -20.04
N ASN A 99 -0.51 19.40 -20.84
CA ASN A 99 0.43 19.62 -21.94
C ASN A 99 -0.27 20.23 -23.13
N SER A 100 0.51 20.60 -24.14
CA SER A 100 0.05 21.39 -25.29
C SER A 100 -0.93 20.79 -26.30
N ARG A 101 -1.12 19.46 -26.24
CA ARG A 101 -2.01 18.71 -27.16
C ARG A 101 -1.66 18.76 -28.69
N ALA A 102 -0.38 18.96 -29.02
CA ALA A 102 0.04 19.06 -30.43
C ALA A 102 0.28 17.72 -31.19
N SER A 103 0.68 16.66 -30.49
CA SER A 103 0.93 15.40 -31.17
C SER A 103 0.73 14.28 -30.18
N SER A 104 0.86 13.04 -30.59
CA SER A 104 0.66 11.92 -29.67
C SER A 104 1.77 11.76 -28.61
N VAL A 105 2.78 12.63 -28.61
CA VAL A 105 3.82 12.53 -27.58
C VAL A 105 4.16 13.82 -26.83
N SER A 106 3.22 14.79 -26.84
CA SER A 106 3.42 16.04 -26.09
C SER A 106 3.45 15.79 -24.57
N ARG A 107 4.14 16.64 -23.83
CA ARG A 107 4.38 16.40 -22.42
C ARG A 107 4.94 17.59 -21.59
N VAL A 108 4.59 17.62 -20.31
CA VAL A 108 5.20 18.52 -19.33
C VAL A 108 5.98 17.59 -18.40
N VAL A 109 7.27 17.87 -18.17
CA VAL A 109 8.18 16.95 -17.45
C VAL A 109 8.89 17.46 -16.20
N ASP A 110 9.52 16.51 -15.49
CA ASP A 110 10.27 16.80 -14.27
C ASP A 110 9.69 17.92 -13.34
N PRO A 111 8.45 17.81 -12.86
CA PRO A 111 7.87 18.88 -12.01
C PRO A 111 8.59 19.15 -10.66
N THR A 112 8.92 20.42 -10.40
CA THR A 112 9.68 20.82 -9.20
C THR A 112 8.86 21.83 -8.37
N VAL A 113 8.72 21.59 -7.06
CA VAL A 113 7.75 22.33 -6.26
C VAL A 113 8.25 23.19 -5.10
N ILE A 114 7.66 24.37 -4.93
CA ILE A 114 7.96 25.24 -3.80
C ILE A 114 6.69 25.67 -3.01
N VAL A 115 6.72 25.56 -1.69
CA VAL A 115 5.60 26.05 -0.87
C VAL A 115 5.86 27.41 -0.19
N LYS A 116 4.91 28.34 -0.34
CA LYS A 116 5.00 29.66 0.29
C LYS A 116 3.63 30.21 0.63
N GLY A 117 3.40 30.46 1.91
CA GLY A 117 2.09 30.96 2.34
C GLY A 117 1.05 29.90 2.01
N ASN A 118 0.07 30.26 1.20
CA ASN A 118 -0.89 29.24 0.83
C ASN A 118 -0.83 28.92 -0.66
N LYS A 119 0.33 29.16 -1.27
CA LYS A 119 0.50 28.90 -2.70
C LYS A 119 1.46 27.74 -3.02
N LEU A 120 1.23 27.12 -4.18
CA LEU A 120 2.10 26.09 -4.72
C LEU A 120 2.64 26.63 -6.04
N TYR A 121 3.97 26.71 -6.18
CA TYR A 121 4.64 27.13 -7.40
C TYR A 121 5.25 25.90 -8.04
N VAL A 122 4.75 25.49 -9.22
CA VAL A 122 5.25 24.29 -9.93
C VAL A 122 5.96 24.55 -11.27
N LEU A 123 7.23 24.15 -11.38
CA LEU A 123 8.02 24.39 -12.60
C LEU A 123 8.18 23.14 -13.50
N VAL A 124 7.82 23.25 -14.79
CA VAL A 124 7.96 22.13 -15.75
C VAL A 124 8.53 22.47 -17.14
N GLY A 125 9.16 21.46 -17.74
CA GLY A 125 9.57 21.60 -19.13
C GLY A 125 8.35 21.21 -19.97
N SER A 126 8.33 21.64 -21.25
CA SER A 126 7.22 21.31 -22.17
C SER A 126 7.71 20.99 -23.57
N TYR A 127 7.38 19.79 -24.06
CA TYR A 127 7.78 19.32 -25.39
C TYR A 127 6.58 19.03 -26.26
N ASN A 128 6.72 19.31 -27.56
CA ASN A 128 5.63 19.10 -28.54
C ASN A 128 5.64 17.74 -29.26
N SER A 129 6.78 17.37 -29.87
CA SER A 129 6.83 16.08 -30.61
C SER A 129 8.10 15.22 -30.75
N SER A 130 9.19 15.56 -30.08
CA SER A 130 10.39 14.73 -30.20
C SER A 130 10.24 13.36 -29.53
N ARG A 131 10.88 12.36 -30.15
CA ARG A 131 10.94 11.04 -29.53
C ARG A 131 12.34 10.70 -28.99
N SER A 132 13.23 11.68 -28.89
CA SER A 132 14.59 11.47 -28.38
C SER A 132 14.77 12.05 -26.99
N TYR A 133 15.64 11.44 -26.18
CA TYR A 133 15.98 11.97 -24.85
C TYR A 133 16.49 13.40 -24.99
N TRP A 134 16.09 14.26 -24.08
CA TRP A 134 16.39 15.71 -24.18
C TRP A 134 17.88 16.07 -24.20
N THR A 135 18.71 15.35 -23.46
CA THR A 135 20.13 15.74 -23.46
C THR A 135 20.80 15.46 -24.79
N SER A 136 20.11 14.81 -25.72
CA SER A 136 20.78 14.61 -26.98
C SER A 136 20.31 15.53 -28.10
N HIS A 137 19.40 16.46 -27.79
CA HIS A 137 18.97 17.40 -28.84
C HIS A 137 20.14 18.32 -29.21
N GLY A 138 20.23 18.69 -30.49
CA GLY A 138 21.21 19.66 -30.94
C GLY A 138 20.69 21.08 -30.80
N ASP A 139 19.39 21.27 -30.66
CA ASP A 139 18.86 22.60 -30.42
C ASP A 139 17.55 22.61 -29.63
N ALA A 140 16.95 23.78 -29.51
CA ALA A 140 15.76 24.00 -28.73
C ALA A 140 14.41 24.08 -29.49
N ARG A 141 14.38 23.71 -30.76
CA ARG A 141 13.15 23.80 -31.55
C ARG A 141 11.88 23.22 -30.92
N ASP A 142 11.99 22.14 -30.15
CA ASP A 142 10.84 21.47 -29.53
C ASP A 142 10.55 21.89 -28.06
N TRP A 143 11.37 22.77 -27.46
CA TRP A 143 11.31 23.11 -26.01
C TRP A 143 10.71 24.45 -25.48
N ASP A 144 10.08 24.38 -24.28
CA ASP A 144 9.64 25.59 -23.54
C ASP A 144 9.72 25.29 -22.03
N ILE A 145 9.79 26.31 -21.17
CA ILE A 145 9.88 26.11 -19.70
C ILE A 145 8.78 26.92 -18.96
N LEU A 146 8.00 26.30 -18.08
CA LEU A 146 6.85 27.03 -17.55
C LEU A 146 6.62 26.99 -16.04
N LEU A 147 5.81 27.94 -15.57
CA LEU A 147 5.41 28.11 -14.15
C LEU A 147 3.89 28.19 -13.93
N ALA A 148 3.33 27.28 -13.12
CA ALA A 148 1.91 27.32 -12.77
C ALA A 148 1.72 27.54 -11.26
N VAL A 149 0.72 28.32 -10.88
CA VAL A 149 0.48 28.58 -9.46
C VAL A 149 -0.87 28.06 -9.00
N GLY A 150 -0.85 27.26 -7.94
CA GLY A 150 -2.09 26.73 -7.37
C GLY A 150 -2.44 27.43 -6.08
N GLU A 151 -3.72 27.77 -5.89
CA GLU A 151 -4.13 28.42 -4.64
C GLU A 151 -4.94 27.51 -3.71
N VAL A 152 -4.50 27.37 -2.46
CA VAL A 152 -5.16 26.51 -1.48
C VAL A 152 -6.03 27.23 -0.44
N THR A 153 -7.32 26.93 -0.40
CA THR A 153 -8.20 27.52 0.62
C THR A 153 -8.95 26.47 1.46
N LYS A 154 -9.11 26.78 2.73
CA LYS A 154 -9.78 25.87 3.65
C LYS A 154 -11.15 26.38 4.05
N SER A 155 -12.10 25.46 4.27
CA SER A 155 -13.41 25.81 4.82
C SER A 155 -13.95 24.68 5.70
N THR A 156 -15.08 24.91 6.35
CA THR A 156 -15.67 23.89 7.22
C THR A 156 -17.18 23.74 7.04
N ALA A 157 -17.67 23.70 5.80
CA ALA A 157 -19.11 23.55 5.56
C ALA A 157 -19.63 22.15 5.91
N GLY A 158 -20.26 22.01 7.07
CA GLY A 158 -20.81 20.73 7.48
C GLY A 158 -20.31 20.23 8.83
N GLY A 159 -19.45 21.03 9.47
CA GLY A 159 -18.87 20.67 10.74
C GLY A 159 -17.52 19.99 10.58
N LYS A 160 -17.28 19.43 9.39
CA LYS A 160 -16.03 18.74 9.10
C LYS A 160 -15.20 19.59 8.16
N ILE A 161 -13.89 19.57 8.37
CA ILE A 161 -12.92 20.35 7.62
C ILE A 161 -12.95 20.02 6.13
N THR A 162 -12.85 21.03 5.27
CA THR A 162 -12.65 20.74 3.84
C THR A 162 -11.61 21.67 3.21
N ALA A 163 -11.32 21.40 1.95
CA ALA A 163 -10.36 22.21 1.23
C ALA A 163 -10.51 22.05 -0.27
N SER A 164 -10.15 23.10 -1.00
CA SER A 164 -10.11 23.07 -2.46
C SER A 164 -8.83 23.77 -2.97
N ILE A 165 -8.48 23.50 -4.22
CA ILE A 165 -7.29 24.05 -4.82
C ILE A 165 -7.58 24.51 -6.22
N LYS A 166 -7.28 25.77 -6.51
CA LYS A 166 -7.54 26.32 -7.81
C LYS A 166 -6.25 26.61 -8.60
N TRP A 167 -6.08 25.89 -9.69
CA TRP A 167 -4.91 26.00 -10.55
C TRP A 167 -4.98 27.07 -11.69
N GLY A 168 -4.01 28.00 -11.71
CA GLY A 168 -3.93 29.02 -12.76
C GLY A 168 -3.29 28.55 -14.07
N SER A 169 -3.44 29.29 -15.16
CA SER A 169 -2.79 28.89 -16.40
C SER A 169 -1.29 29.19 -16.40
N PRO A 170 -0.52 28.30 -17.01
CA PRO A 170 0.95 28.40 -17.00
C PRO A 170 1.52 29.60 -17.77
N VAL A 171 2.68 30.06 -17.32
CA VAL A 171 3.37 31.16 -18.00
C VAL A 171 4.81 30.74 -18.35
N SER A 172 5.25 31.13 -19.55
CA SER A 172 6.59 30.80 -20.05
C SER A 172 7.60 31.76 -19.44
N LEU A 173 8.74 31.23 -19.00
CA LEU A 173 9.80 32.08 -18.42
C LEU A 173 11.03 32.11 -19.34
N LYS A 174 10.81 31.74 -20.59
CA LYS A 174 11.84 31.68 -21.61
C LYS A 174 12.58 32.98 -21.76
N GLU A 175 11.87 34.09 -21.59
CA GLU A 175 12.49 35.41 -21.74
C GLU A 175 13.64 35.62 -20.74
N PHE A 176 13.76 34.74 -19.75
CA PHE A 176 14.79 34.96 -18.74
C PHE A 176 16.02 34.08 -18.88
N PHE A 177 16.13 33.36 -20.00
CA PHE A 177 17.28 32.49 -20.31
C PHE A 177 18.20 33.21 -21.30
N PRO A 178 19.39 33.60 -20.89
CA PRO A 178 20.34 34.24 -21.82
C PRO A 178 20.91 33.28 -22.87
N ALA A 179 21.33 33.81 -24.01
CA ALA A 179 21.83 32.95 -25.08
C ALA A 179 23.22 32.42 -24.79
N GLU A 180 23.93 33.10 -23.91
CA GLU A 180 25.29 32.70 -23.59
C GLU A 180 25.64 32.76 -22.09
N MET A 181 26.51 31.84 -21.66
CA MET A 181 27.10 31.79 -20.31
C MET A 181 28.62 31.71 -20.50
N GLU A 182 29.37 32.13 -19.48
CA GLU A 182 30.83 32.28 -19.54
C GLU A 182 31.48 31.86 -20.86
N GLY A 183 31.83 30.59 -21.00
CA GLY A 183 32.47 30.14 -22.24
C GLY A 183 31.69 29.14 -23.10
N MET A 184 30.41 29.42 -23.36
CA MET A 184 29.57 28.45 -24.08
C MET A 184 28.33 29.06 -24.72
N HIS A 185 27.58 28.27 -25.47
CA HIS A 185 26.30 28.72 -26.00
C HIS A 185 25.17 27.85 -25.41
N THR A 186 24.09 28.47 -24.93
CA THR A 186 23.02 27.74 -24.25
C THR A 186 22.09 26.96 -25.13
N ASN A 187 21.53 25.92 -24.55
CA ASN A 187 20.60 25.04 -25.26
C ASN A 187 19.22 24.96 -24.56
N GLN A 188 19.10 24.20 -23.46
CA GLN A 188 17.84 24.05 -22.73
C GLN A 188 18.13 23.94 -21.23
N PHE A 189 17.07 24.11 -20.42
CA PHE A 189 17.16 23.87 -18.98
C PHE A 189 15.84 23.35 -18.38
N LEU A 190 15.94 22.68 -17.23
CA LEU A 190 14.80 22.10 -16.52
C LEU A 190 15.10 22.11 -15.01
N GLY A 191 14.07 21.91 -14.19
CA GLY A 191 14.26 21.89 -12.75
C GLY A 191 14.87 20.56 -12.36
N GLY A 192 15.30 20.43 -11.11
CA GLY A 192 15.91 19.19 -10.65
C GLY A 192 14.97 18.10 -10.11
N ALA A 193 13.65 18.29 -10.21
CA ALA A 193 12.72 17.28 -9.73
C ALA A 193 12.56 17.34 -8.21
N GLY A 194 11.51 16.71 -7.67
CA GLY A 194 11.26 16.78 -6.24
C GLY A 194 10.87 18.17 -5.70
N VAL A 195 11.26 18.46 -4.44
CA VAL A 195 10.89 19.71 -3.76
C VAL A 195 12.05 20.71 -3.57
N ALA A 196 11.78 21.99 -3.80
CA ALA A 196 12.76 23.09 -3.61
C ALA A 196 12.45 23.93 -2.36
N ILE A 197 12.86 25.20 -2.30
CA ILE A 197 12.71 25.95 -1.03
C ILE A 197 12.46 27.47 -1.05
N VAL A 198 12.01 28.00 0.08
CA VAL A 198 11.97 29.45 0.30
C VAL A 198 13.16 29.81 1.21
N ALA A 199 14.11 30.60 0.68
CA ALA A 199 15.29 31.01 1.47
C ALA A 199 14.90 31.93 2.64
N SER A 200 15.75 32.11 3.63
CA SER A 200 15.35 32.95 4.76
C SER A 200 15.16 34.45 4.47
N ASN A 201 15.52 34.93 3.28
CA ASN A 201 15.25 36.33 2.91
C ASN A 201 13.97 36.49 2.10
N GLY A 202 13.19 35.42 1.98
CA GLY A 202 12.01 35.47 1.14
C GLY A 202 12.12 34.92 -0.28
N ASN A 203 13.32 34.85 -0.86
CA ASN A 203 13.48 34.42 -2.26
C ASN A 203 12.99 33.01 -2.61
N LEU A 204 12.45 32.87 -3.83
CA LEU A 204 12.12 31.55 -4.39
C LEU A 204 13.41 30.98 -4.98
N VAL A 205 13.82 29.78 -4.60
CA VAL A 205 15.08 29.23 -5.13
C VAL A 205 14.90 27.84 -5.74
N TYR A 206 15.23 27.72 -7.04
CA TYR A 206 15.19 26.43 -7.77
C TYR A 206 16.57 26.01 -8.26
N PRO A 207 17.10 24.87 -7.79
CA PRO A 207 18.35 24.34 -8.37
C PRO A 207 18.03 23.86 -9.78
N VAL A 208 18.78 24.19 -10.83
CA VAL A 208 18.41 23.66 -12.18
C VAL A 208 19.55 22.96 -12.97
N GLN A 209 19.17 22.12 -13.95
CA GLN A 209 20.10 21.40 -14.82
C GLN A 209 20.04 22.00 -16.26
N VAL A 210 21.19 22.28 -16.85
CA VAL A 210 21.23 22.99 -18.13
C VAL A 210 22.13 22.33 -19.15
N THR A 211 21.74 22.35 -20.43
CA THR A 211 22.61 21.94 -21.53
C THR A 211 23.13 23.15 -22.32
N ASN A 212 24.27 22.95 -22.99
CA ASN A 212 24.87 23.95 -23.86
C ASN A 212 25.00 23.35 -25.27
N LYS A 213 25.53 24.11 -26.22
CA LYS A 213 25.59 23.57 -27.59
C LYS A 213 26.56 22.39 -27.87
N LYS A 214 27.43 22.02 -26.94
CA LYS A 214 28.28 20.85 -27.18
C LYS A 214 27.64 19.60 -26.57
N LYS A 215 26.46 19.80 -26.00
CA LYS A 215 25.72 18.75 -25.31
C LYS A 215 26.28 18.32 -23.95
N GLN A 216 26.96 19.22 -23.25
CA GLN A 216 27.39 18.91 -21.90
C GLN A 216 26.32 19.34 -20.89
N VAL A 217 26.20 18.62 -19.78
CA VAL A 217 25.18 18.95 -18.76
C VAL A 217 25.87 19.53 -17.52
N PHE A 218 25.17 20.40 -16.78
CA PHE A 218 25.69 21.07 -15.54
C PHE A 218 24.60 21.78 -14.66
N SER A 219 24.90 22.14 -13.39
CA SER A 219 23.88 22.78 -12.53
C SER A 219 24.08 24.26 -12.12
N LYS A 220 22.96 25.00 -12.02
CA LYS A 220 22.94 26.43 -11.64
C LYS A 220 21.90 26.75 -10.56
N ILE A 221 21.92 27.98 -10.06
CA ILE A 221 20.87 28.49 -9.15
C ILE A 221 20.02 29.55 -9.91
N PHE A 222 18.69 29.36 -9.86
CA PHE A 222 17.66 30.12 -10.58
C PHE A 222 16.67 30.65 -9.54
N TYR A 223 16.63 31.98 -9.32
CA TYR A 223 15.86 32.58 -8.20
C TYR A 223 14.96 33.80 -8.52
N SER A 224 14.01 34.10 -7.61
CA SER A 224 13.06 35.23 -7.74
C SER A 224 12.91 36.11 -6.49
N GLU A 225 12.83 37.42 -6.69
CA GLU A 225 12.75 38.35 -5.57
C GLU A 225 11.39 38.98 -5.50
N ASP A 226 10.54 38.74 -6.52
CA ASP A 226 9.22 39.38 -6.56
C ASP A 226 8.05 38.39 -6.68
N GLU A 227 7.98 37.47 -5.73
CA GLU A 227 6.96 36.43 -5.75
C GLU A 227 6.76 35.69 -7.07
N GLY A 228 7.81 35.59 -7.89
CA GLY A 228 7.76 34.82 -9.11
C GLY A 228 7.42 35.58 -10.36
N LYS A 229 7.54 36.91 -10.28
CA LYS A 229 7.27 37.72 -11.44
C LYS A 229 8.48 37.81 -12.39
N THR A 230 9.69 37.89 -11.85
CA THR A 230 10.94 37.91 -12.65
C THR A 230 11.94 36.87 -12.09
N TRP A 231 12.89 36.46 -12.92
CA TRP A 231 13.82 35.44 -12.51
C TRP A 231 15.30 35.72 -12.89
N LYS A 232 16.26 35.24 -12.10
CA LYS A 232 17.68 35.47 -12.35
C LYS A 232 18.56 34.24 -12.22
N PHE A 233 19.73 34.28 -12.82
CA PHE A 233 20.71 33.21 -12.69
C PHE A 233 21.94 33.70 -11.94
N GLY A 234 22.44 32.87 -11.03
CA GLY A 234 23.71 33.14 -10.38
C GLY A 234 24.85 32.82 -11.34
N LYS A 235 25.97 33.51 -11.19
CA LYS A 235 27.13 33.38 -12.08
C LYS A 235 27.90 32.06 -12.12
N GLY A 236 27.97 31.36 -10.99
CA GLY A 236 28.78 30.14 -10.88
C GLY A 236 28.11 28.89 -11.36
N ARG A 237 28.85 27.78 -11.36
CA ARG A 237 28.28 26.52 -11.78
C ARG A 237 29.02 25.32 -11.21
N SER A 238 28.36 24.17 -11.19
CA SER A 238 29.00 22.91 -10.83
C SER A 238 29.94 22.43 -11.94
N ALA A 239 30.53 21.25 -11.77
CA ALA A 239 31.35 20.65 -12.83
C ALA A 239 30.48 20.02 -13.95
N PHE A 240 31.02 19.97 -15.16
CA PHE A 240 30.32 19.28 -16.23
C PHE A 240 30.00 17.84 -15.79
N GLY A 241 28.81 17.35 -16.11
CA GLY A 241 28.41 16.00 -15.70
C GLY A 241 27.50 15.91 -14.47
N CYS A 242 27.24 17.02 -13.77
CA CYS A 242 26.30 17.05 -12.64
C CYS A 242 24.87 17.40 -13.10
N SER A 243 23.91 16.52 -12.83
CA SER A 243 22.49 16.70 -13.23
C SER A 243 21.53 16.56 -12.05
N GLU A 244 20.21 16.69 -12.31
CA GLU A 244 19.16 16.60 -11.25
C GLU A 244 19.61 17.05 -9.86
N PRO A 245 20.01 18.30 -9.70
CA PRO A 245 20.47 18.80 -8.38
C PRO A 245 19.33 18.98 -7.37
N VAL A 246 19.64 18.90 -6.07
CA VAL A 246 18.64 19.07 -5.00
C VAL A 246 19.25 19.90 -3.83
N ALA A 247 18.51 20.89 -3.33
CA ALA A 247 19.14 21.85 -2.41
C ALA A 247 18.41 22.18 -1.10
N LEU A 248 19.15 22.66 -0.12
CA LEU A 248 18.57 23.10 1.17
C LEU A 248 19.38 24.27 1.74
N GLU A 249 18.90 24.90 2.82
CA GLU A 249 19.63 26.01 3.43
C GLU A 249 20.09 25.66 4.83
N TRP A 250 21.36 25.95 5.14
CA TRP A 250 21.93 25.56 6.42
C TRP A 250 22.91 26.60 6.91
N GLU A 251 22.62 27.19 8.06
CA GLU A 251 23.47 28.20 8.68
C GLU A 251 23.94 29.30 7.72
N GLY A 252 23.02 29.79 6.90
CA GLY A 252 23.35 30.83 5.95
C GLY A 252 23.90 30.41 4.58
N LYS A 253 24.14 29.12 4.33
CA LYS A 253 24.57 28.74 2.98
C LYS A 253 23.51 27.88 2.29
N LEU A 254 23.53 27.90 0.96
CA LEU A 254 22.80 26.91 0.20
C LEU A 254 23.73 25.70 0.08
N ILE A 255 23.19 24.51 0.28
CA ILE A 255 23.93 23.26 0.13
C ILE A 255 23.32 22.50 -1.04
N ILE A 256 24.08 22.32 -2.13
CA ILE A 256 23.58 21.70 -3.37
C ILE A 256 24.13 20.27 -3.60
N ASN A 257 23.23 19.28 -3.72
CA ASN A 257 23.58 17.85 -3.72
C ASN A 257 23.31 17.17 -5.09
N THR A 258 24.34 16.73 -5.83
CA THR A 258 24.15 16.25 -7.21
C THR A 258 24.31 14.76 -7.60
N ARG A 259 23.71 14.42 -8.74
CA ARG A 259 23.77 13.10 -9.36
C ARG A 259 24.85 13.12 -10.41
N VAL A 260 25.73 12.12 -10.40
CA VAL A 260 26.73 12.01 -11.45
C VAL A 260 26.80 10.56 -11.88
N ASP A 261 26.34 10.27 -13.08
CA ASP A 261 26.37 8.91 -13.60
C ASP A 261 27.75 8.29 -13.61
N TYR A 262 27.81 7.02 -13.22
CA TYR A 262 29.07 6.28 -13.22
C TYR A 262 30.17 6.85 -12.32
N ARG A 263 29.84 7.65 -11.30
CA ARG A 263 30.83 8.26 -10.39
C ARG A 263 30.24 8.54 -9.01
N ARG A 264 31.10 8.76 -8.00
CA ARG A 264 30.61 9.09 -6.66
C ARG A 264 29.93 10.49 -6.69
N ARG A 265 28.94 10.74 -5.84
CA ARG A 265 28.18 12.01 -5.88
C ARG A 265 28.95 13.24 -5.39
N LEU A 266 28.81 14.35 -6.11
CA LEU A 266 29.42 15.63 -5.72
C LEU A 266 28.45 16.58 -5.01
N VAL A 267 28.89 17.23 -3.93
CA VAL A 267 28.09 18.20 -3.16
C VAL A 267 28.84 19.54 -3.03
N TYR A 268 28.14 20.67 -3.15
CA TYR A 268 28.75 22.00 -3.19
C TYR A 268 28.15 22.97 -2.17
N GLU A 269 28.88 24.03 -1.83
CA GLU A 269 28.38 25.08 -0.93
C GLU A 269 28.46 26.44 -1.64
N SER A 270 27.54 27.35 -1.29
CA SER A 270 27.47 28.70 -1.83
C SER A 270 26.78 29.67 -0.83
N SER A 271 27.46 30.77 -0.51
CA SER A 271 26.98 31.76 0.46
C SER A 271 26.28 32.97 -0.16
N ASP A 272 26.24 33.04 -1.50
CA ASP A 272 25.67 34.20 -2.20
C ASP A 272 24.71 33.93 -3.37
N MET A 273 23.61 33.23 -3.12
CA MET A 273 22.62 32.99 -4.18
C MET A 273 23.21 32.40 -5.44
N GLY A 274 24.27 31.64 -5.30
CA GLY A 274 24.87 30.98 -6.43
C GLY A 274 25.88 31.74 -7.25
N ASN A 275 26.39 32.85 -6.75
CA ASN A 275 27.40 33.58 -7.48
C ASN A 275 28.77 32.85 -7.42
N THR A 276 29.01 32.10 -6.34
CA THR A 276 30.26 31.36 -6.19
C THR A 276 30.02 29.98 -5.59
N TRP A 277 30.67 28.96 -6.16
CA TRP A 277 30.51 27.59 -5.72
C TRP A 277 31.80 27.01 -5.20
N LEU A 278 31.70 26.30 -4.06
CA LEU A 278 32.84 25.63 -3.43
C LEU A 278 32.51 24.15 -3.06
N GLU A 279 33.36 23.19 -3.46
CA GLU A 279 33.10 21.77 -3.11
C GLU A 279 33.19 21.47 -1.60
N ALA A 280 32.24 20.71 -1.08
CA ALA A 280 32.21 20.38 0.35
C ALA A 280 33.11 19.22 0.72
N VAL A 281 34.42 19.38 0.54
CA VAL A 281 35.38 18.34 0.83
C VAL A 281 35.46 17.91 2.31
N GLY A 282 35.21 18.82 3.23
CA GLY A 282 35.31 18.45 4.62
C GLY A 282 34.07 17.83 5.27
N THR A 283 32.94 17.75 4.57
CA THR A 283 31.73 17.22 5.19
C THR A 283 31.06 16.09 4.41
N LEU A 284 30.33 16.46 3.34
CA LEU A 284 29.46 15.55 2.57
C LEU A 284 29.83 15.13 1.11
N SER A 285 30.71 15.87 0.43
CA SER A 285 31.02 15.48 -0.94
C SER A 285 31.72 14.11 -1.08
N ARG A 286 31.32 13.34 -2.10
CA ARG A 286 31.95 12.05 -2.41
C ARG A 286 31.62 10.94 -1.40
N VAL A 287 30.78 11.26 -0.41
CA VAL A 287 30.36 10.30 0.58
C VAL A 287 29.47 9.17 0.04
N TRP A 288 28.47 9.53 -0.78
CA TRP A 288 27.49 8.54 -1.29
C TRP A 288 27.73 8.07 -2.76
N GLY A 289 27.88 6.74 -2.95
CA GLY A 289 28.10 6.13 -4.27
C GLY A 289 26.83 5.52 -4.86
N PRO A 290 26.67 5.49 -6.19
CA PRO A 290 25.45 4.98 -6.83
C PRO A 290 25.30 3.44 -6.98
N SER A 291 26.35 2.67 -6.67
CA SER A 291 26.32 1.21 -6.76
C SER A 291 27.50 0.69 -5.96
N PRO A 292 27.51 -0.57 -5.57
CA PRO A 292 28.58 -1.07 -4.69
C PRO A 292 29.97 -0.72 -5.20
N LYS A 293 30.19 -0.80 -6.51
CA LYS A 293 31.47 -0.39 -7.09
C LYS A 293 31.41 1.01 -7.69
N SER A 294 30.27 1.69 -7.54
CA SER A 294 30.09 3.05 -8.07
C SER A 294 30.36 3.18 -9.57
N ASN A 295 29.89 2.24 -10.38
CA ASN A 295 30.08 2.34 -11.84
C ASN A 295 28.78 2.07 -12.60
N GLN A 296 27.67 2.64 -12.15
CA GLN A 296 26.36 2.42 -12.76
C GLN A 296 25.61 3.76 -12.80
N PRO A 297 24.52 3.86 -13.57
CA PRO A 297 23.68 5.08 -13.54
C PRO A 297 23.25 5.55 -12.15
N GLY A 298 23.15 6.86 -11.95
CA GLY A 298 22.78 7.43 -10.64
C GLY A 298 21.28 7.65 -10.46
N SER A 299 20.88 8.56 -9.56
CA SER A 299 19.44 8.74 -9.28
C SER A 299 18.99 10.09 -8.72
N GLN A 300 17.67 10.29 -8.63
CA GLN A 300 17.03 11.44 -7.97
C GLN A 300 17.03 11.22 -6.44
N SER A 301 17.04 12.30 -5.64
CA SER A 301 17.09 12.21 -4.16
C SER A 301 16.28 13.26 -3.37
N SER A 302 15.79 12.89 -2.19
CA SER A 302 15.13 13.84 -1.28
C SER A 302 16.15 14.39 -0.26
N PHE A 303 16.14 15.68 0.03
CA PHE A 303 17.21 16.27 0.85
C PHE A 303 16.68 17.51 1.56
N THR A 304 16.33 17.40 2.85
CA THR A 304 15.67 18.50 3.56
C THR A 304 16.29 18.82 4.90
N ALA A 305 16.05 20.04 5.39
CA ALA A 305 16.42 20.44 6.74
C ALA A 305 15.15 20.54 7.62
N VAL A 306 15.18 19.95 8.81
CA VAL A 306 14.02 19.92 9.72
C VAL A 306 14.47 20.05 11.18
N THR A 307 13.55 20.20 12.14
CA THR A 307 13.95 20.28 13.54
C THR A 307 13.29 19.20 14.38
N ILE A 308 14.09 18.34 14.99
CA ILE A 308 13.52 17.26 15.80
C ILE A 308 13.98 17.35 17.26
N GLU A 309 13.02 17.36 18.18
CA GLU A 309 13.26 17.57 19.62
C GLU A 309 14.30 18.65 19.82
N GLY A 310 14.10 19.77 19.13
CA GLY A 310 14.97 20.91 19.33
C GLY A 310 16.33 20.90 18.67
N MET A 311 16.66 19.85 17.91
CA MET A 311 17.93 19.84 17.14
C MET A 311 17.66 19.81 15.63
N ARG A 312 18.33 20.71 14.91
CA ARG A 312 18.17 20.87 13.48
C ARG A 312 19.08 19.88 12.79
N VAL A 313 18.57 19.22 11.76
CA VAL A 313 19.34 18.16 11.10
C VAL A 313 18.93 17.97 9.64
N MET A 314 19.64 17.09 8.94
CA MET A 314 19.32 16.82 7.53
C MET A 314 18.90 15.35 7.31
N LEU A 315 17.97 15.12 6.38
CA LEU A 315 17.51 13.79 5.97
C LEU A 315 17.72 13.59 4.45
N PHE A 316 18.37 12.49 4.03
CA PHE A 316 18.72 12.22 2.62
C PHE A 316 18.38 10.77 2.25
N THR A 317 17.86 10.51 1.04
CA THR A 317 17.61 9.14 0.55
C THR A 317 18.19 8.89 -0.85
N HIS A 318 18.62 7.64 -1.09
CA HIS A 318 19.14 7.16 -2.39
C HIS A 318 19.13 5.62 -2.40
N PRO A 319 18.89 5.01 -3.54
CA PRO A 319 18.94 3.54 -3.63
C PRO A 319 20.37 2.98 -3.63
N LEU A 320 20.58 1.78 -3.14
CA LEU A 320 21.91 1.15 -3.24
C LEU A 320 22.24 0.47 -4.59
N ASN A 321 21.23 0.08 -5.40
CA ASN A 321 21.48 -0.47 -6.76
C ASN A 321 22.36 -1.73 -6.81
N PHE A 322 22.10 -2.72 -5.96
CA PHE A 322 22.87 -3.98 -6.09
C PHE A 322 22.75 -4.62 -7.48
N LYS A 323 21.57 -4.53 -8.09
CA LYS A 323 21.33 -5.24 -9.36
C LYS A 323 22.04 -4.66 -10.57
N GLY A 324 22.15 -3.34 -10.64
CA GLY A 324 22.87 -2.69 -11.73
C GLY A 324 21.98 -1.98 -12.72
N ARG A 325 22.60 -1.26 -13.65
CA ARG A 325 21.89 -0.45 -14.63
C ARG A 325 20.88 0.52 -13.99
N TRP A 326 19.62 0.54 -14.42
CA TRP A 326 18.66 1.52 -13.90
C TRP A 326 17.68 0.91 -12.88
N LEU A 327 17.82 -0.39 -12.63
CA LEU A 327 16.89 -1.07 -11.73
C LEU A 327 16.78 -0.40 -10.34
N ARG A 328 17.92 -0.14 -9.70
CA ARG A 328 17.96 0.71 -8.51
C ARG A 328 17.08 0.22 -7.36
N ASP A 329 17.45 -0.96 -6.88
CA ASP A 329 16.82 -1.64 -5.77
C ASP A 329 17.35 -1.12 -4.44
N ARG A 330 16.59 -1.36 -3.36
CA ARG A 330 17.00 -1.07 -1.99
C ARG A 330 17.16 0.41 -1.54
N LEU A 331 16.05 1.15 -1.51
CA LEU A 331 16.02 2.56 -1.05
C LEU A 331 16.40 2.77 0.42
N ASN A 332 17.46 3.54 0.68
CA ASN A 332 17.96 3.78 2.04
C ASN A 332 17.78 5.22 2.53
N LEU A 333 17.65 5.38 3.87
CA LEU A 333 17.52 6.70 4.53
C LEU A 333 18.71 7.03 5.50
N TRP A 334 19.29 8.22 5.36
CA TRP A 334 20.40 8.69 6.18
C TRP A 334 20.10 9.93 7.04
N LEU A 335 20.75 10.02 8.20
CA LEU A 335 20.59 11.15 9.11
C LEU A 335 21.93 11.85 9.45
N THR A 336 21.98 13.18 9.45
CA THR A 336 23.24 13.86 9.74
C THR A 336 23.17 15.27 10.33
N ASP A 337 24.19 15.64 11.10
CA ASP A 337 24.29 16.99 11.64
C ASP A 337 25.44 17.82 11.04
N ASN A 338 25.86 17.46 9.83
CA ASN A 338 26.99 18.12 9.16
C ASN A 338 28.32 17.73 9.82
N GLN A 339 28.30 16.69 10.65
CA GLN A 339 29.46 16.17 11.35
C GLN A 339 29.39 14.62 11.32
N ARG A 340 28.50 14.03 12.12
CA ARG A 340 28.31 12.58 12.13
C ARG A 340 27.33 12.10 11.02
N ILE A 341 27.47 10.87 10.55
CA ILE A 341 26.57 10.41 9.47
C ILE A 341 26.05 8.99 9.72
N TYR A 342 24.75 8.87 9.94
CA TYR A 342 24.20 7.59 10.37
C TYR A 342 23.16 6.97 9.45
N ASN A 343 23.36 5.67 9.17
CA ASN A 343 22.53 4.84 8.32
C ASN A 343 21.24 4.45 9.05
N VAL A 344 20.14 5.15 8.79
CA VAL A 344 18.88 4.78 9.42
C VAL A 344 18.42 3.40 8.98
N GLY A 345 18.57 3.11 7.69
CA GLY A 345 18.24 1.79 7.17
C GLY A 345 17.50 1.75 5.86
N GLN A 346 16.91 0.58 5.57
CA GLN A 346 16.15 0.35 4.34
C GLN A 346 14.66 0.66 4.52
N VAL A 347 14.12 1.47 3.61
CA VAL A 347 12.74 1.93 3.60
C VAL A 347 11.86 1.06 2.69
N SER A 348 12.42 0.64 1.56
CA SER A 348 11.67 -0.22 0.66
C SER A 348 11.53 -1.61 1.26
N ILE A 349 10.97 -2.56 0.49
CA ILE A 349 10.77 -3.90 1.05
C ILE A 349 11.44 -4.99 0.22
N GLY A 350 12.25 -5.82 0.85
CA GLY A 350 12.92 -6.90 0.15
C GLY A 350 13.88 -6.43 -0.92
N ASP A 351 13.91 -7.16 -2.03
CA ASP A 351 14.78 -6.80 -3.15
C ASP A 351 14.05 -6.15 -4.30
N GLU A 352 12.88 -5.59 -4.00
CA GLU A 352 12.15 -4.87 -5.06
C GLU A 352 12.93 -3.67 -5.65
N ASN A 353 12.60 -3.27 -6.87
CA ASN A 353 13.16 -2.07 -7.49
C ASN A 353 12.49 -0.76 -6.94
N SER A 354 13.29 0.20 -6.48
CA SER A 354 12.72 1.41 -5.85
C SER A 354 13.59 2.67 -5.91
N ALA A 355 13.50 3.42 -7.01
CA ALA A 355 14.36 4.57 -7.25
C ALA A 355 13.98 5.90 -6.59
N TYR A 356 12.99 6.63 -7.13
CA TYR A 356 12.68 7.99 -6.63
C TYR A 356 11.85 8.03 -5.37
N SER A 357 11.92 9.15 -4.65
CA SER A 357 11.34 9.26 -3.30
C SER A 357 11.17 10.70 -2.80
N SER A 358 10.31 10.88 -1.80
CA SER A 358 10.10 12.17 -1.16
C SER A 358 9.74 11.96 0.32
N VAL A 359 10.41 12.68 1.23
CA VAL A 359 10.18 12.56 2.69
C VAL A 359 9.62 13.85 3.33
N LEU A 360 8.55 13.73 4.15
CA LEU A 360 7.92 14.90 4.83
C LEU A 360 7.78 14.77 6.34
N TYR A 361 8.05 15.86 7.06
CA TYR A 361 7.94 15.84 8.53
C TYR A 361 6.83 16.81 8.91
N LYS A 362 5.78 16.31 9.57
CA LYS A 362 4.59 17.13 9.83
C LYS A 362 3.91 16.89 11.17
N ASP A 363 3.77 17.94 11.96
CA ASP A 363 3.17 17.80 13.28
C ASP A 363 3.79 16.61 14.05
N ASP A 364 5.10 16.42 13.88
CA ASP A 364 5.83 15.42 14.64
C ASP A 364 5.61 13.95 14.22
N LYS A 365 5.31 13.74 12.93
CA LYS A 365 5.18 12.42 12.28
C LYS A 365 6.00 12.41 10.96
N LEU A 366 6.52 11.25 10.57
CA LEU A 366 7.36 11.09 9.37
C LEU A 366 6.68 10.20 8.31
N TYR A 367 6.78 10.62 7.05
CA TYR A 367 6.16 9.90 5.92
C TYR A 367 7.08 9.88 4.71
N CYS A 368 6.87 8.94 3.79
CA CYS A 368 7.63 8.86 2.53
C CYS A 368 6.71 8.43 1.39
N LEU A 369 6.82 9.11 0.24
CA LEU A 369 6.11 8.74 -0.98
C LEU A 369 7.16 8.26 -1.99
N HIS A 370 7.11 7.00 -2.45
CA HIS A 370 8.16 6.50 -3.36
C HIS A 370 7.80 5.50 -4.50
N GLU A 371 8.74 5.32 -5.43
CA GLU A 371 8.53 4.48 -6.60
C GLU A 371 8.73 2.99 -6.32
N ILE A 372 7.92 2.13 -6.98
CA ILE A 372 8.18 0.67 -7.03
C ILE A 372 8.07 0.26 -8.52
N ASN A 373 8.84 -0.75 -8.94
CA ASN A 373 8.94 -1.10 -10.37
C ASN A 373 9.07 -2.58 -10.73
N SER A 374 8.03 -3.09 -11.40
CA SER A 374 8.00 -4.46 -11.95
C SER A 374 7.84 -4.41 -13.48
N ASN A 375 8.81 -4.97 -14.20
CA ASN A 375 8.82 -4.97 -15.68
C ASN A 375 8.62 -3.60 -16.37
N GLU A 376 9.08 -2.55 -15.72
CA GLU A 376 8.98 -1.21 -16.30
C GLU A 376 7.56 -0.65 -16.24
N VAL A 377 6.86 -1.05 -15.19
CA VAL A 377 5.54 -0.53 -14.87
C VAL A 377 5.65 -0.05 -13.41
N TYR A 378 5.26 1.21 -13.19
CA TYR A 378 5.54 1.94 -11.97
C TYR A 378 4.32 2.43 -11.18
N SER A 379 4.38 2.32 -9.84
CA SER A 379 3.41 2.85 -8.88
C SER A 379 4.12 3.74 -7.83
N LEU A 380 3.34 4.49 -7.05
CA LEU A 380 3.83 5.30 -5.92
C LEU A 380 3.14 4.82 -4.62
N VAL A 381 3.92 4.32 -3.67
CA VAL A 381 3.35 3.90 -2.40
C VAL A 381 3.51 4.99 -1.36
N PHE A 382 2.64 5.02 -0.37
CA PHE A 382 2.69 6.04 0.66
C PHE A 382 2.95 5.35 2.00
N ALA A 383 4.04 5.72 2.67
CA ALA A 383 4.49 5.06 3.89
C ALA A 383 4.50 5.89 5.17
N ARG A 384 4.03 5.29 6.27
CA ARG A 384 4.11 5.92 7.60
C ARG A 384 5.37 5.38 8.35
N LEU A 385 6.39 6.21 8.47
CA LEU A 385 7.67 5.80 9.06
C LEU A 385 7.75 5.95 10.61
N VAL A 386 6.84 5.28 11.34
CA VAL A 386 6.79 5.36 12.81
C VAL A 386 8.08 4.84 13.44
N GLY A 387 8.55 3.71 12.93
CA GLY A 387 9.77 3.10 13.42
C GLY A 387 11.03 3.88 13.08
N GLU A 388 11.12 4.43 11.86
CA GLU A 388 12.33 5.16 11.48
C GLU A 388 12.54 6.33 12.43
N LEU A 389 11.45 7.04 12.74
CA LEU A 389 11.51 8.18 13.64
C LEU A 389 11.89 7.77 15.05
N ARG A 390 11.44 6.60 15.51
CA ARG A 390 11.79 6.12 16.85
C ARG A 390 13.32 5.98 16.99
N ILE A 391 13.92 5.29 16.03
CA ILE A 391 15.35 5.11 15.98
C ILE A 391 16.09 6.45 15.90
N ILE A 392 15.60 7.35 15.06
CA ILE A 392 16.22 8.68 14.88
C ILE A 392 16.32 9.40 16.23
N LYS A 393 15.20 9.40 16.98
CA LYS A 393 15.14 10.09 18.25
C LYS A 393 16.09 9.46 19.25
N SER A 394 16.28 8.17 19.14
CA SER A 394 17.21 7.51 20.05
C SER A 394 18.66 7.97 19.76
N VAL A 395 19.07 8.03 18.49
CA VAL A 395 20.42 8.49 18.14
C VAL A 395 20.64 9.98 18.50
N LEU A 396 19.64 10.82 18.26
CA LEU A 396 19.78 12.24 18.58
C LEU A 396 19.97 12.52 20.09
N GLN A 397 19.38 11.69 20.94
CA GLN A 397 19.53 11.81 22.40
C GLN A 397 20.97 11.46 22.74
N SER A 398 21.46 10.33 22.22
CA SER A 398 22.86 9.94 22.50
C SER A 398 23.90 11.01 22.09
N TRP A 399 23.63 11.72 21.00
CA TRP A 399 24.54 12.75 20.51
C TRP A 399 24.52 13.95 21.46
N LYS A 400 23.31 14.32 21.84
CA LYS A 400 23.07 15.42 22.77
C LYS A 400 23.64 15.13 24.17
N ASN A 401 23.43 13.92 24.70
CA ASN A 401 23.99 13.51 25.97
C ASN A 401 25.54 13.55 26.05
N TRP A 402 26.24 12.93 25.09
CA TRP A 402 27.72 12.96 25.09
C TRP A 402 28.30 14.36 24.79
N ASP A 403 27.63 15.16 23.96
CA ASP A 403 28.13 16.51 23.72
C ASP A 403 27.99 17.36 25.00
N SER A 404 26.88 17.17 25.72
CA SER A 404 26.63 17.88 26.98
C SER A 404 27.61 17.44 28.08
N HIS A 405 27.82 16.14 28.21
CA HIS A 405 28.74 15.62 29.21
C HIS A 405 30.13 16.22 29.08
N LEU A 406 30.69 16.17 27.88
CA LEU A 406 32.03 16.68 27.62
C LEU A 406 32.13 18.20 27.82
N SER A 407 31.09 18.93 27.42
CA SER A 407 31.03 20.39 27.55
C SER A 407 30.92 20.90 28.99
N SER A 408 30.57 20.02 29.93
CA SER A 408 30.35 20.45 31.30
C SER A 408 31.53 20.20 32.24
N ILE A 409 32.50 19.40 31.81
CA ILE A 409 33.66 19.08 32.61
C ILE A 409 34.49 20.32 32.99
N CYS A 410 34.80 20.47 34.28
CA CYS A 410 35.62 21.60 34.79
C CYS A 410 37.11 21.29 34.59
N THR A 411 37.69 21.77 33.49
CA THR A 411 39.09 21.50 33.18
C THR A 411 40.01 22.27 34.13
N PRO A 412 41.16 21.71 34.50
CA PRO A 412 42.01 22.31 35.53
C PRO A 412 42.63 23.64 35.13
N ALA A 413 42.85 24.49 36.12
CA ALA A 413 43.49 25.78 35.91
C ALA A 413 44.93 25.60 35.41
N GLY A 423 37.03 27.88 39.87
CA GLY A 423 38.02 28.16 38.86
C GLY A 423 38.17 27.00 37.90
N CYS A 424 37.83 27.24 36.63
CA CYS A 424 37.94 26.21 35.60
C CYS A 424 38.63 26.78 34.36
N GLY A 425 39.50 25.97 33.74
CA GLY A 425 40.13 26.36 32.50
C GLY A 425 39.11 26.46 31.37
N PRO A 426 39.59 26.53 30.14
CA PRO A 426 38.71 26.49 28.97
C PRO A 426 38.08 25.10 28.78
N ALA A 427 36.88 25.12 28.19
CA ALA A 427 36.10 23.92 27.92
C ALA A 427 36.70 22.97 26.86
N VAL A 428 36.46 21.66 27.03
CA VAL A 428 36.80 20.67 26.02
C VAL A 428 35.93 20.90 24.77
N THR A 429 36.54 20.95 23.59
CA THR A 429 35.77 21.25 22.40
C THR A 429 35.05 20.05 21.79
N THR A 430 33.83 20.28 21.35
CA THR A 430 33.06 19.22 20.68
C THR A 430 32.66 19.64 19.26
N VAL A 431 33.12 20.79 18.83
CA VAL A 431 32.77 21.27 17.49
C VAL A 431 33.58 20.53 16.47
N GLY A 432 32.93 19.77 15.61
CA GLY A 432 33.64 19.01 14.60
C GLY A 432 34.06 17.64 15.08
N LEU A 433 33.60 17.21 16.25
CA LEU A 433 33.92 15.90 16.78
C LEU A 433 33.06 14.82 16.12
N VAL A 434 33.71 13.80 15.59
CA VAL A 434 32.98 12.82 14.79
C VAL A 434 32.84 11.40 15.37
N GLY A 435 33.89 10.86 15.96
CA GLY A 435 33.86 9.54 16.55
C GLY A 435 34.60 9.44 17.87
N PHE A 436 34.22 8.47 18.72
CA PHE A 436 34.79 8.27 20.05
C PHE A 436 34.77 6.78 20.49
N LEU A 437 35.96 6.23 20.74
CA LEU A 437 36.15 4.85 21.19
C LEU A 437 36.63 4.83 22.66
N SER A 438 35.82 4.26 23.55
CA SER A 438 36.08 4.33 25.00
C SER A 438 35.78 3.03 25.75
N HIS A 439 34.96 3.11 26.78
CA HIS A 439 34.63 1.98 27.65
C HIS A 439 33.83 0.82 27.01
N SER A 440 32.91 1.09 26.06
CA SER A 440 32.11 0.00 25.47
C SER A 440 32.81 -0.88 24.45
N ALA A 441 32.67 -2.19 24.62
CA ALA A 441 33.24 -3.14 23.68
C ALA A 441 32.68 -4.57 23.85
N THR A 442 32.52 -5.29 22.75
CA THR A 442 32.12 -6.69 22.82
C THR A 442 33.39 -7.50 22.68
N LYS A 443 33.25 -8.76 22.26
CA LYS A 443 34.44 -9.60 22.11
C LYS A 443 35.22 -9.26 20.82
N THR A 444 34.53 -8.80 19.78
CA THR A 444 35.27 -8.45 18.55
C THR A 444 35.17 -7.00 18.05
N GLU A 445 34.45 -6.13 18.74
CA GLU A 445 34.36 -4.73 18.29
C GLU A 445 34.63 -3.73 19.40
N TRP A 446 35.15 -2.57 19.02
CA TRP A 446 35.33 -1.43 19.95
C TRP A 446 34.22 -0.44 19.54
N GLU A 447 33.25 -0.17 20.41
CA GLU A 447 32.05 0.58 20.00
C GLU A 447 32.12 2.13 19.91
N ASP A 448 31.56 2.68 18.82
CA ASP A 448 31.50 4.14 18.60
C ASP A 448 30.47 4.79 19.53
N ALA A 449 30.90 5.68 20.42
CA ALA A 449 29.95 6.29 21.33
C ALA A 449 28.86 7.03 20.56
N TYR A 450 29.21 7.49 19.35
CA TYR A 450 28.28 8.22 18.49
C TYR A 450 27.53 7.29 17.53
N ARG A 451 27.79 5.99 17.65
CA ARG A 451 26.97 4.96 17.00
C ARG A 451 26.91 4.91 15.47
N CYS A 452 27.91 5.47 14.79
CA CYS A 452 27.95 5.41 13.32
C CYS A 452 28.94 4.38 12.71
N VAL A 453 30.18 4.33 13.21
CA VAL A 453 31.18 3.41 12.67
C VAL A 453 32.00 2.71 13.75
N ASN A 454 31.88 1.40 13.89
CA ASN A 454 32.69 0.66 14.87
C ASN A 454 34.09 0.26 14.37
N ALA A 455 34.94 -0.20 15.27
CA ALA A 455 36.25 -0.72 14.88
C ALA A 455 36.34 -2.23 15.20
N SER A 456 37.03 -2.99 14.34
CA SER A 456 37.21 -4.43 14.55
C SER A 456 38.52 -4.75 15.27
N THR A 457 38.56 -5.82 16.08
CA THR A 457 39.75 -6.10 16.90
C THR A 457 40.28 -7.54 16.86
N ALA A 458 41.48 -7.75 17.42
CA ALA A 458 42.08 -9.09 17.64
C ALA A 458 43.08 -9.15 18.85
N ASN A 459 43.02 -10.23 19.63
CA ASN A 459 43.86 -10.38 20.83
C ASN A 459 43.67 -9.17 21.76
N ALA A 460 42.43 -8.73 21.94
CA ALA A 460 42.17 -7.61 22.84
C ALA A 460 41.54 -8.05 24.17
N GLU A 461 41.98 -7.41 25.25
CA GLU A 461 41.49 -7.69 26.59
C GLU A 461 40.88 -6.38 27.06
N ARG A 462 39.62 -6.39 27.52
CA ARG A 462 38.97 -5.15 27.92
C ARG A 462 39.52 -4.54 29.21
N VAL A 463 39.63 -3.22 29.24
CA VAL A 463 40.07 -2.48 30.43
C VAL A 463 39.24 -1.19 30.52
N PRO A 464 39.36 -0.46 31.62
CA PRO A 464 38.61 0.80 31.82
C PRO A 464 38.87 1.86 30.74
N ASN A 465 37.82 2.19 30.00
CA ASN A 465 37.89 3.22 28.98
C ASN A 465 38.76 2.91 27.75
N GLY A 466 39.14 1.64 27.55
CA GLY A 466 40.00 1.24 26.44
C GLY A 466 40.31 -0.26 26.24
N LEU A 467 41.42 -0.56 25.54
CA LEU A 467 41.82 -1.94 25.24
C LEU A 467 43.32 -2.21 25.44
N LYS A 468 43.67 -3.45 25.73
CA LYS A 468 45.07 -3.85 25.93
C LYS A 468 45.39 -5.00 24.97
N PHE A 469 46.46 -4.82 24.17
CA PHE A 469 46.76 -5.78 23.10
C PHE A 469 48.10 -6.52 23.27
N ALA A 470 48.22 -7.67 22.60
CA ALA A 470 49.46 -8.43 22.64
C ALA A 470 49.58 -9.44 21.51
N GLY A 471 50.83 -9.76 21.15
CA GLY A 471 51.14 -10.79 20.18
C GLY A 471 51.02 -10.48 18.69
N VAL A 472 51.83 -11.19 17.90
CA VAL A 472 51.74 -11.13 16.46
C VAL A 472 50.28 -11.16 16.03
N GLY A 473 49.82 -10.13 15.34
CA GLY A 473 48.44 -10.10 14.86
C GLY A 473 47.44 -9.20 15.60
N GLY A 474 47.82 -8.72 16.79
CA GLY A 474 46.96 -7.87 17.60
C GLY A 474 46.77 -6.41 17.16
N GLY A 475 45.67 -5.79 17.57
CA GLY A 475 45.38 -4.39 17.27
C GLY A 475 43.95 -4.13 16.83
N ALA A 476 43.62 -2.89 16.51
CA ALA A 476 42.26 -2.60 16.03
C ALA A 476 42.30 -1.85 14.72
N LEU A 477 41.18 -1.90 13.98
CA LEU A 477 41.04 -1.24 12.69
C LEU A 477 39.75 -0.41 12.51
N TRP A 478 39.88 0.92 12.30
CA TRP A 478 38.75 1.84 12.14
C TRP A 478 38.69 2.19 10.65
N PRO A 479 37.76 1.60 9.92
CA PRO A 479 37.73 1.71 8.46
C PRO A 479 37.41 3.06 7.84
N VAL A 480 38.01 3.29 6.66
CA VAL A 480 37.79 4.52 5.90
C VAL A 480 37.26 4.18 4.50
N SER A 481 38.16 4.03 3.51
CA SER A 481 37.68 3.61 2.20
C SER A 481 37.14 2.17 2.32
N GLN A 482 37.56 1.49 3.36
CA GLN A 482 37.05 0.15 3.66
C GLN A 482 35.56 0.06 4.03
N GLN A 483 34.88 1.19 4.19
CA GLN A 483 33.45 1.22 4.49
C GLN A 483 32.68 0.71 3.27
N GLY A 484 33.29 0.77 2.10
CA GLY A 484 32.64 0.25 0.90
C GLY A 484 31.93 1.27 0.05
N GLN A 485 30.67 1.02 -0.25
CA GLN A 485 29.90 1.90 -1.13
C GLN A 485 29.73 3.33 -0.63
N ASN A 486 29.38 3.45 0.65
CA ASN A 486 29.14 4.75 1.26
C ASN A 486 30.19 5.02 2.31
N GLN A 487 31.00 6.06 2.11
CA GLN A 487 32.18 6.33 2.94
C GLN A 487 32.09 7.60 3.81
N ARG A 488 31.78 7.41 5.08
CA ARG A 488 31.52 8.54 5.99
C ARG A 488 32.72 9.41 6.40
N TYR A 489 33.93 8.87 6.28
CA TYR A 489 35.08 9.61 6.75
C TYR A 489 35.93 10.07 5.58
N HIS A 490 35.31 10.36 4.44
CA HIS A 490 36.08 10.77 3.27
C HIS A 490 36.76 12.11 3.55
N PHE A 491 36.24 12.87 4.49
CA PHE A 491 36.85 14.16 4.81
C PHE A 491 38.33 13.99 5.22
N ALA A 492 38.69 12.81 5.70
CA ALA A 492 40.04 12.62 6.21
C ALA A 492 41.12 12.77 5.15
N ASN A 493 40.72 12.69 3.89
CA ASN A 493 41.67 12.81 2.79
C ASN A 493 42.01 14.29 2.61
N HIS A 494 41.29 15.15 3.32
CA HIS A 494 41.49 16.59 3.20
C HIS A 494 42.01 17.26 4.51
N ALA A 495 41.52 16.79 5.67
CA ALA A 495 41.97 17.28 6.95
C ALA A 495 41.41 16.44 8.12
N PHE A 496 42.22 16.17 9.14
CA PHE A 496 41.76 15.45 10.34
C PHE A 496 42.71 15.61 11.55
N THR A 497 42.17 15.39 12.75
CA THR A 497 42.93 15.33 14.01
C THR A 497 42.58 14.00 14.70
N LEU A 498 43.58 13.20 15.08
CA LEU A 498 43.42 11.92 15.78
C LEU A 498 44.14 11.91 17.15
N VAL A 499 43.40 11.59 18.22
CA VAL A 499 43.90 11.67 19.59
C VAL A 499 43.71 10.40 20.47
N ALA A 500 44.72 10.11 21.30
CA ALA A 500 44.68 8.95 22.21
C ALA A 500 45.67 9.01 23.40
N SER A 501 45.42 8.18 24.41
CA SER A 501 46.31 8.00 25.54
C SER A 501 46.91 6.59 25.37
N VAL A 502 48.20 6.41 25.69
CA VAL A 502 48.90 5.10 25.55
C VAL A 502 49.92 4.78 26.65
N THR A 503 50.13 3.48 26.86
CA THR A 503 51.13 2.95 27.79
C THR A 503 51.78 1.74 27.10
N ILE A 504 53.12 1.61 27.15
CA ILE A 504 53.84 0.45 26.58
C ILE A 504 54.36 -0.52 27.65
N HIS A 505 54.23 -1.83 27.42
CA HIS A 505 54.60 -2.82 28.44
C HIS A 505 55.85 -3.70 28.20
N GLU A 506 56.32 -3.77 26.96
CA GLU A 506 57.53 -4.54 26.64
C GLU A 506 58.41 -3.83 25.63
N VAL A 507 59.73 -3.79 25.87
CA VAL A 507 60.68 -3.29 24.88
C VAL A 507 60.69 -4.27 23.70
N PRO A 508 60.50 -3.76 22.49
CA PRO A 508 60.42 -4.59 21.27
C PRO A 508 61.76 -5.04 20.72
N LYS A 509 61.73 -5.92 19.72
CA LYS A 509 62.95 -6.42 19.07
C LYS A 509 63.46 -5.49 17.96
N GLY A 510 62.53 -4.92 17.19
CA GLY A 510 62.88 -3.96 16.16
C GLY A 510 62.13 -2.64 16.38
N ALA A 511 61.23 -2.32 15.45
CA ALA A 511 60.38 -1.14 15.56
C ALA A 511 58.92 -1.62 15.47
N SER A 512 58.05 -1.09 16.33
CA SER A 512 56.65 -1.53 16.32
C SER A 512 55.62 -0.39 16.28
N PRO A 513 54.47 -0.67 15.71
CA PRO A 513 53.41 0.34 15.49
C PRO A 513 52.57 0.67 16.74
N LEU A 514 52.15 1.93 16.87
CA LEU A 514 51.31 2.35 17.99
C LEU A 514 49.98 2.97 17.50
N LEU A 515 50.03 3.85 16.49
CA LEU A 515 48.81 4.50 15.98
C LEU A 515 49.10 5.17 14.63
N GLY A 516 48.15 5.19 13.70
CA GLY A 516 48.42 5.85 12.42
C GLY A 516 47.34 5.79 11.35
N ALA A 517 47.60 6.45 10.21
CA ALA A 517 46.68 6.40 9.05
C ALA A 517 47.37 5.70 7.86
N SER A 518 46.72 4.66 7.33
CA SER A 518 47.29 3.81 6.28
C SER A 518 46.67 3.95 4.90
N LEU A 519 47.50 3.95 3.86
CA LEU A 519 47.04 4.11 2.49
C LEU A 519 46.66 2.81 1.77
N ASP A 520 47.25 1.70 2.20
CA ASP A 520 46.93 0.39 1.62
C ASP A 520 46.30 -0.48 2.72
N SER A 521 46.06 -1.77 2.45
CA SER A 521 45.39 -2.59 3.45
C SER A 521 46.31 -3.34 4.42
N SER A 522 47.60 -3.39 4.15
CA SER A 522 48.49 -4.09 5.05
C SER A 522 48.89 -3.13 6.14
N GLY A 523 49.10 -1.88 5.74
CA GLY A 523 49.61 -0.87 6.67
C GLY A 523 51.06 -0.56 6.35
N GLY A 524 51.55 -1.14 5.25
CA GLY A 524 52.93 -0.94 4.79
C GLY A 524 53.12 0.42 4.09
N LYS A 525 52.08 0.95 3.46
CA LYS A 525 52.18 2.26 2.86
C LYS A 525 51.46 3.31 3.73
N LYS A 526 52.22 4.04 4.54
CA LYS A 526 51.61 4.95 5.51
C LYS A 526 51.45 6.38 5.00
N LEU A 527 50.43 7.06 5.55
CA LEU A 527 50.28 8.49 5.29
C LEU A 527 50.85 9.27 6.48
N LEU A 528 50.52 8.84 7.71
CA LEU A 528 51.04 9.48 8.92
C LEU A 528 50.87 8.53 10.08
N GLY A 529 51.92 8.35 10.87
CA GLY A 529 51.85 7.43 12.00
C GLY A 529 52.94 7.53 13.04
N LEU A 530 52.88 6.66 14.05
CA LEU A 530 53.84 6.66 15.15
C LEU A 530 54.27 5.24 15.57
N SER A 531 55.57 5.00 15.71
CA SER A 531 56.04 3.72 16.27
C SER A 531 57.08 3.97 17.34
N TYR A 532 57.61 2.89 17.91
CA TYR A 532 58.59 2.93 19.00
C TYR A 532 59.64 1.81 18.83
N ASP A 533 60.85 2.00 19.37
CA ASP A 533 61.92 1.02 19.10
C ASP A 533 62.82 0.59 20.28
N LYS A 534 63.72 -0.35 19.99
CA LYS A 534 64.55 -1.01 21.01
C LYS A 534 65.50 -0.14 21.82
N ARG A 535 65.69 1.09 21.40
CA ARG A 535 66.59 2.01 22.07
C ARG A 535 65.82 3.05 22.87
N HIS A 536 64.54 2.78 23.11
CA HIS A 536 63.68 3.66 23.91
C HIS A 536 63.39 5.04 23.27
N GLN A 537 63.36 5.07 21.93
CA GLN A 537 63.05 6.29 21.19
C GLN A 537 61.74 6.16 20.42
N TRP A 538 61.17 7.29 20.00
CA TRP A 538 59.97 7.29 19.14
C TRP A 538 60.39 7.36 17.66
N GLN A 539 59.63 6.71 16.79
CA GLN A 539 59.85 6.79 15.34
C GLN A 539 58.59 7.36 14.65
N PRO A 540 58.52 8.66 14.44
CA PRO A 540 57.35 9.21 13.76
C PRO A 540 57.57 8.98 12.26
N ILE A 541 56.49 8.84 11.49
CA ILE A 541 56.60 8.57 10.07
C ILE A 541 55.75 9.52 9.23
N TYR A 542 56.41 10.23 8.34
CA TYR A 542 55.78 11.23 7.52
C TYR A 542 55.72 10.75 6.08
N GLY A 543 54.57 10.24 5.66
CA GLY A 543 54.44 9.74 4.32
C GLY A 543 55.51 8.75 3.93
N SER A 544 56.20 9.01 2.82
CA SER A 544 57.27 8.13 2.34
C SER A 544 58.69 8.58 2.74
N THR A 545 58.78 9.74 3.40
CA THR A 545 60.04 10.29 3.84
C THR A 545 60.84 9.29 4.70
N PRO A 546 62.17 9.33 4.61
CA PRO A 546 63.04 8.48 5.45
C PRO A 546 62.86 8.79 6.94
N VAL A 547 62.90 7.74 7.76
CA VAL A 547 62.57 7.83 9.18
C VAL A 547 63.74 8.18 10.12
N THR A 548 63.57 9.25 10.90
CA THR A 548 64.56 9.66 11.89
C THR A 548 64.03 9.45 13.32
N PRO A 549 64.57 8.50 14.09
CA PRO A 549 64.20 8.31 15.52
C PRO A 549 64.52 9.52 16.41
N THR A 550 63.74 9.72 17.48
CA THR A 550 63.89 10.90 18.35
C THR A 550 63.28 10.71 19.75
N GLY A 551 63.64 11.58 20.69
CA GLY A 551 63.09 11.58 22.04
C GLY A 551 63.29 10.31 22.86
N SER A 552 62.59 10.18 24.00
CA SER A 552 62.65 8.96 24.79
C SER A 552 61.41 8.67 25.64
N TRP A 553 61.28 7.41 26.05
CA TRP A 553 60.18 6.98 26.88
C TRP A 553 60.57 5.87 27.84
N GLU A 554 59.84 5.76 28.95
CA GLU A 554 60.04 4.63 29.87
C GLU A 554 58.84 3.70 29.87
N MET A 555 59.10 2.42 30.01
CA MET A 555 58.02 1.45 30.11
C MET A 555 57.12 1.71 31.33
N GLY A 556 55.82 1.51 31.15
CA GLY A 556 54.86 1.60 32.23
C GLY A 556 54.35 3.00 32.46
N LYS A 557 54.90 3.96 31.72
CA LYS A 557 54.50 5.36 31.84
C LYS A 557 53.44 5.75 30.77
N ARG A 558 52.38 6.41 31.22
CA ARG A 558 51.28 6.82 30.34
C ARG A 558 51.62 8.05 29.53
N TYR A 559 51.36 8.04 28.22
CA TYR A 559 51.64 9.20 27.36
C TYR A 559 50.43 9.66 26.53
N HIS A 560 50.38 10.97 26.22
CA HIS A 560 49.30 11.56 25.42
C HIS A 560 49.77 11.83 23.99
N VAL A 561 49.01 11.35 23.01
CA VAL A 561 49.39 11.39 21.58
C VAL A 561 48.39 12.06 20.61
N VAL A 562 48.89 12.94 19.74
CA VAL A 562 48.05 13.61 18.75
C VAL A 562 48.68 13.65 17.34
N LEU A 563 47.87 13.35 16.32
CA LEU A 563 48.27 13.43 14.89
C LEU A 563 47.38 14.41 14.12
N THR A 564 47.98 15.42 13.47
CA THR A 564 47.17 16.32 12.62
C THR A 564 47.65 16.29 11.19
N MET A 565 46.73 16.58 10.28
CA MET A 565 46.98 16.64 8.84
C MET A 565 46.05 17.67 8.19
N ALA A 566 46.61 18.68 7.52
CA ALA A 566 45.85 19.68 6.75
C ALA A 566 46.75 20.37 5.71
N ASN A 567 46.20 20.78 4.58
CA ASN A 567 47.00 21.43 3.54
C ASN A 567 48.21 20.55 3.15
N LYS A 568 47.99 19.25 3.19
CA LYS A 568 49.00 18.24 2.82
C LYS A 568 50.22 18.19 3.75
N ILE A 569 50.06 18.72 4.96
CA ILE A 569 51.14 18.71 5.95
C ILE A 569 50.78 17.97 7.25
N GLY A 570 51.68 17.11 7.76
CA GLY A 570 51.43 16.39 8.99
C GLY A 570 52.33 16.63 10.22
N SER A 571 51.74 16.48 11.40
CA SER A 571 52.39 16.71 12.70
C SER A 571 52.13 15.63 13.77
N VAL A 572 53.03 15.52 14.75
CA VAL A 572 52.90 14.57 15.86
C VAL A 572 53.27 15.20 17.21
N TYR A 573 52.38 15.12 18.20
CA TYR A 573 52.62 15.66 19.54
C TYR A 573 52.66 14.57 20.62
N ILE A 574 53.57 14.68 21.58
CA ILE A 574 53.59 13.83 22.77
C ILE A 574 53.38 14.74 23.98
N ASP A 575 52.46 14.38 24.87
CA ASP A 575 52.16 15.22 26.03
C ASP A 575 51.98 16.71 25.68
N GLY A 576 51.47 17.01 24.49
CA GLY A 576 51.18 18.39 24.10
C GLY A 576 52.28 19.15 23.37
N GLU A 577 53.42 18.50 23.17
CA GLU A 577 54.50 19.16 22.45
C GLU A 577 54.92 18.41 21.17
N PRO A 578 55.20 19.17 20.11
CA PRO A 578 55.59 18.61 18.80
C PRO A 578 56.99 18.04 18.73
N LEU A 579 57.13 16.87 18.10
CA LEU A 579 58.42 16.22 17.92
C LEU A 579 59.13 16.64 16.63
N GLU A 580 60.46 16.44 16.64
CA GLU A 580 61.35 16.61 15.51
C GLU A 580 60.69 16.05 14.26
N GLY A 581 60.89 16.74 13.14
CA GLY A 581 60.32 16.29 11.88
C GLY A 581 58.89 16.71 11.65
N SER A 582 58.23 17.31 12.64
CA SER A 582 56.86 17.76 12.40
C SER A 582 56.83 18.89 11.37
N GLY A 583 55.83 18.90 10.50
CA GLY A 583 55.77 19.95 9.50
C GLY A 583 56.25 19.48 8.13
N GLN A 584 56.15 18.19 7.89
CA GLN A 584 56.59 17.58 6.66
C GLN A 584 55.46 17.27 5.69
N THR A 585 55.76 17.25 4.41
CA THR A 585 54.80 16.94 3.37
C THR A 585 54.41 15.43 3.40
N VAL A 586 53.11 15.14 3.51
CA VAL A 586 52.65 13.74 3.49
C VAL A 586 51.98 13.34 2.18
N VAL A 587 51.59 14.33 1.38
CA VAL A 587 50.98 14.07 0.07
C VAL A 587 51.79 14.72 -1.03
N PRO A 588 52.35 13.96 -1.96
CA PRO A 588 53.16 14.59 -3.01
C PRO A 588 52.15 15.38 -3.80
N ASP A 589 52.38 16.68 -3.98
CA ASP A 589 51.36 17.57 -4.53
C ASP A 589 50.54 16.96 -5.72
N GLU A 590 50.99 15.79 -6.16
CA GLU A 590 50.34 15.00 -7.22
C GLU A 590 48.78 14.90 -7.14
N ARG A 591 48.27 13.84 -6.51
CA ARG A 591 46.81 13.62 -6.44
C ARG A 591 46.15 13.82 -5.08
N THR A 592 44.94 13.32 -4.95
CA THR A 592 44.23 13.38 -3.69
C THR A 592 44.37 12.01 -3.05
N PRO A 593 44.66 12.00 -1.76
CA PRO A 593 44.82 10.73 -1.04
C PRO A 593 43.54 9.92 -1.01
N ASP A 594 43.69 8.60 -0.90
CA ASP A 594 42.60 7.64 -0.74
C ASP A 594 42.93 6.78 0.49
N ILE A 595 42.64 7.28 1.69
CA ILE A 595 42.96 6.56 2.93
C ILE A 595 42.19 5.24 3.08
N SER A 596 42.88 4.18 3.47
CA SER A 596 42.27 2.88 3.66
C SER A 596 41.66 2.68 5.07
N HIS A 597 42.44 2.93 6.14
CA HIS A 597 41.95 2.83 7.51
C HIS A 597 42.91 3.48 8.50
N PHE A 598 42.48 3.62 9.75
CA PHE A 598 43.38 4.03 10.83
C PHE A 598 43.70 2.71 11.54
N TYR A 599 44.95 2.48 11.93
CA TYR A 599 45.29 1.28 12.74
C TYR A 599 45.60 1.66 14.21
N VAL A 600 45.18 0.84 15.18
CA VAL A 600 45.36 1.16 16.62
C VAL A 600 45.97 0.06 17.52
N GLY A 601 47.13 0.33 18.11
CA GLY A 601 47.81 -0.61 18.99
C GLY A 601 48.30 -1.92 18.37
N GLY A 602 48.60 -1.89 17.06
CA GLY A 602 49.04 -3.03 16.25
C GLY A 602 48.56 -2.78 14.82
N TYR A 603 48.84 -3.68 13.87
CA TYR A 603 48.38 -3.53 12.48
C TYR A 603 47.12 -4.34 12.27
N LYS A 604 46.76 -5.13 13.27
CA LYS A 604 45.71 -6.15 13.10
C LYS A 604 45.88 -6.98 11.83
N ARG A 605 47.11 -7.48 11.60
CA ARG A 605 47.48 -8.30 10.45
C ARG A 605 48.46 -9.44 10.80
N SER A 606 47.99 -10.69 10.78
CA SER A 606 48.83 -11.83 11.12
C SER A 606 50.09 -11.93 10.25
N GLY A 607 50.03 -11.48 9.00
CA GLY A 607 51.15 -11.55 8.09
C GLY A 607 52.26 -10.52 8.30
N MET A 608 52.06 -9.56 9.18
CA MET A 608 53.06 -8.53 9.45
C MET A 608 53.88 -8.94 10.70
N PRO A 609 55.19 -8.77 10.66
CA PRO A 609 56.08 -9.35 11.70
C PRO A 609 56.07 -8.74 13.13
N THR A 610 55.54 -7.54 13.31
CA THR A 610 55.63 -6.89 14.62
C THR A 610 54.73 -7.45 15.71
N ASP A 611 55.11 -7.18 16.96
CA ASP A 611 54.40 -7.59 18.17
C ASP A 611 54.34 -6.40 19.14
N SER A 612 53.17 -5.79 19.25
CA SER A 612 53.08 -4.65 20.15
C SER A 612 52.35 -4.97 21.45
N ARG A 613 53.01 -4.72 22.58
CA ARG A 613 52.39 -4.97 23.87
C ARG A 613 52.08 -3.64 24.55
N VAL A 614 50.83 -3.16 24.39
CA VAL A 614 50.43 -1.82 24.82
C VAL A 614 48.93 -1.64 25.13
N THR A 615 48.62 -0.63 25.93
CA THR A 615 47.23 -0.27 26.27
C THR A 615 46.85 1.07 25.64
N VAL A 616 45.68 1.19 25.05
CA VAL A 616 45.23 2.47 24.50
C VAL A 616 43.82 2.83 25.00
N ASN A 617 43.62 4.10 25.35
CA ASN A 617 42.33 4.56 25.85
C ASN A 617 41.83 5.81 25.12
N ASN A 618 40.51 5.99 25.15
CA ASN A 618 39.87 7.22 24.70
C ASN A 618 40.37 7.81 23.37
N VAL A 619 40.00 7.18 22.25
CA VAL A 619 40.35 7.63 20.90
C VAL A 619 39.28 8.55 20.30
N LEU A 620 39.71 9.77 19.93
CA LEU A 620 38.82 10.81 19.43
C LEU A 620 39.16 11.16 17.97
N LEU A 621 38.13 11.35 17.14
CA LEU A 621 38.36 11.71 15.73
C LEU A 621 37.62 13.02 15.35
N TYR A 622 38.35 14.01 14.84
CA TYR A 622 37.77 15.32 14.45
C TYR A 622 37.94 15.64 12.91
N ASN A 623 36.95 16.31 12.29
CA ASN A 623 37.05 16.67 10.85
C ASN A 623 37.85 17.92 10.47
N ARG A 624 38.68 18.39 11.40
CA ARG A 624 39.52 19.58 11.13
C ARG A 624 40.81 19.53 11.95
N GLN A 625 41.75 20.41 11.64
CA GLN A 625 43.01 20.52 12.41
C GLN A 625 42.76 21.36 13.66
N LEU A 626 42.98 20.79 14.84
CA LEU A 626 42.78 21.54 16.11
C LEU A 626 43.76 22.69 16.31
N ASN A 627 43.42 23.64 17.17
CA ASN A 627 44.39 24.70 17.51
C ASN A 627 45.14 24.35 18.75
N ALA A 628 46.18 25.13 19.03
CA ALA A 628 47.07 24.87 20.17
C ALA A 628 46.35 24.83 21.51
N GLU A 629 45.47 25.78 21.75
CA GLU A 629 44.76 25.78 23.03
C GLU A 629 43.94 24.49 23.14
N GLU A 630 43.23 24.16 22.07
CA GLU A 630 42.44 22.92 22.02
C GLU A 630 43.30 21.66 22.37
N ILE A 631 44.55 21.63 21.92
CA ILE A 631 45.43 20.51 22.24
C ILE A 631 45.90 20.44 23.73
N ARG A 632 46.21 21.60 24.34
CA ARG A 632 46.60 21.64 25.76
C ARG A 632 45.47 21.18 26.69
N THR A 633 44.24 21.61 26.39
CA THR A 633 43.11 21.23 27.25
C THR A 633 42.88 19.72 27.19
N LEU A 634 42.88 19.17 25.99
CA LEU A 634 42.71 17.74 25.82
C LEU A 634 43.78 16.98 26.60
N PHE A 635 45.02 17.46 26.53
CA PHE A 635 46.11 16.84 27.28
C PHE A 635 45.86 16.99 28.77
N LEU A 636 45.61 18.22 29.19
CA LEU A 636 45.45 18.47 30.61
C LEU A 636 44.25 17.76 31.22
N SER A 637 43.25 17.42 30.40
CA SER A 637 42.05 16.77 30.95
C SER A 637 41.84 15.27 30.67
N GLN A 638 42.91 14.54 30.37
CA GLN A 638 42.92 13.10 30.06
C GLN A 638 42.16 12.18 31.01
N ASP A 639 42.35 12.41 32.29
CA ASP A 639 41.75 11.55 33.28
C ASP A 639 40.29 11.84 33.53
N LEU A 640 39.74 12.81 32.82
CA LEU A 640 38.37 13.18 33.13
C LEU A 640 37.28 12.82 32.11
N ILE A 641 37.66 12.37 30.90
CA ILE A 641 36.69 12.19 29.80
C ILE A 641 36.15 10.79 29.50
N GLY A 642 36.63 9.75 30.15
CA GLY A 642 36.17 8.42 29.79
C GLY A 642 34.66 8.25 29.85
N THR A 643 34.15 7.19 29.23
CA THR A 643 32.72 6.92 29.30
C THR A 643 32.32 5.95 30.45
N GLU A 644 33.29 5.48 31.21
CA GLU A 644 33.06 4.45 32.23
C GLU A 644 31.85 4.56 33.19
N ALA A 645 31.67 5.72 33.80
CA ALA A 645 30.58 5.89 34.78
C ALA A 645 29.15 5.71 34.23
N HIS A 646 28.98 5.84 32.91
CA HIS A 646 27.67 5.69 32.26
C HIS A 646 27.52 4.42 31.42
N LEU B 15 -37.37 -27.39 -1.44
CA LEU B 15 -38.12 -26.88 -0.25
C LEU B 15 -37.64 -27.47 1.09
N ALA B 16 -37.85 -26.72 2.18
CA ALA B 16 -37.49 -27.16 3.51
C ALA B 16 -38.67 -27.87 4.19
N PRO B 17 -38.38 -28.84 5.06
CA PRO B 17 -39.46 -29.58 5.74
C PRO B 17 -40.42 -28.58 6.38
N GLY B 18 -41.71 -28.69 6.06
CA GLY B 18 -42.71 -27.77 6.59
C GLY B 18 -43.31 -26.77 5.60
N SER B 19 -42.58 -26.47 4.54
CA SER B 19 -43.00 -25.52 3.52
C SER B 19 -43.91 -26.21 2.49
N SER B 20 -44.50 -25.42 1.58
CA SER B 20 -45.46 -25.93 0.60
C SER B 20 -45.67 -24.91 -0.52
N ARG B 21 -46.47 -25.23 -1.53
CA ARG B 21 -46.60 -24.31 -2.65
C ARG B 21 -47.76 -24.59 -3.60
N VAL B 22 -48.12 -23.61 -4.41
CA VAL B 22 -49.17 -23.82 -5.40
C VAL B 22 -48.73 -23.38 -6.79
N GLU B 23 -49.37 -23.90 -7.82
CA GLU B 23 -49.03 -23.50 -9.18
C GLU B 23 -49.93 -22.34 -9.61
N LEU B 24 -49.56 -21.13 -9.20
CA LEU B 24 -50.33 -19.89 -9.41
C LEU B 24 -50.54 -19.42 -10.86
N PHE B 25 -49.47 -19.44 -11.65
CA PHE B 25 -49.54 -19.11 -13.08
C PHE B 25 -49.32 -20.42 -13.88
N LYS B 26 -50.39 -21.10 -14.28
CA LYS B 26 -50.27 -22.44 -14.87
C LYS B 26 -50.05 -22.54 -16.38
N ARG B 27 -48.87 -23.00 -16.77
CA ARG B 27 -48.60 -23.18 -18.18
C ARG B 27 -49.81 -23.88 -18.87
N GLN B 28 -50.17 -23.40 -20.07
CA GLN B 28 -51.23 -23.97 -20.90
C GLN B 28 -52.63 -24.11 -20.24
N SER B 29 -52.87 -23.47 -19.08
CA SER B 29 -54.16 -23.51 -18.39
C SER B 29 -54.75 -22.12 -17.98
N SER B 30 -53.92 -21.22 -17.45
CA SER B 30 -54.40 -19.91 -17.00
C SER B 30 -54.77 -18.95 -18.14
N LYS B 31 -55.81 -18.16 -17.90
CA LYS B 31 -56.32 -17.22 -18.88
C LYS B 31 -56.21 -15.78 -18.39
N VAL B 32 -56.10 -14.85 -19.34
CA VAL B 32 -55.99 -13.41 -19.10
C VAL B 32 -56.90 -12.64 -20.12
N PRO B 33 -57.30 -11.42 -19.80
CA PRO B 33 -58.17 -10.63 -20.68
C PRO B 33 -57.44 -9.93 -21.82
N PHE B 34 -57.30 -10.59 -22.97
CA PHE B 34 -56.61 -10.07 -24.16
C PHE B 34 -57.44 -8.99 -24.87
N GLU B 35 -56.89 -7.80 -24.97
CA GLU B 35 -57.61 -6.70 -25.58
C GLU B 35 -57.10 -6.48 -26.99
N LYS B 36 -58.02 -6.43 -27.96
CA LYS B 36 -57.66 -6.12 -29.33
C LYS B 36 -58.82 -5.51 -30.14
N ASP B 37 -58.52 -4.37 -30.80
CA ASP B 37 -59.47 -3.64 -31.64
C ASP B 37 -60.82 -3.40 -30.97
N GLY B 38 -60.79 -3.04 -29.68
CA GLY B 38 -62.01 -2.81 -28.94
C GLY B 38 -62.73 -4.06 -28.45
N LYS B 39 -62.15 -5.25 -28.65
CA LYS B 39 -62.78 -6.47 -28.15
C LYS B 39 -61.95 -7.20 -27.07
N VAL B 40 -62.62 -7.59 -25.99
CA VAL B 40 -61.92 -8.27 -24.91
C VAL B 40 -62.30 -9.73 -24.83
N THR B 41 -61.31 -10.60 -24.88
CA THR B 41 -61.55 -12.03 -24.74
C THR B 41 -60.57 -12.70 -23.79
N GLU B 42 -61.10 -13.60 -22.96
CA GLU B 42 -60.30 -14.41 -22.06
C GLU B 42 -59.49 -15.44 -22.85
N ARG B 43 -58.18 -15.22 -22.97
CA ARG B 43 -57.26 -16.05 -23.75
C ARG B 43 -56.27 -16.87 -22.90
N VAL B 44 -56.01 -18.12 -23.31
CA VAL B 44 -55.07 -19.04 -22.64
C VAL B 44 -53.62 -18.77 -23.01
N VAL B 45 -52.70 -18.98 -22.06
CA VAL B 45 -51.27 -18.69 -22.25
C VAL B 45 -50.31 -19.89 -22.26
N HIS B 46 -49.44 -19.96 -23.26
CA HIS B 46 -48.42 -21.00 -23.33
C HIS B 46 -47.46 -20.92 -22.12
N SER B 47 -46.74 -19.81 -21.99
CA SER B 47 -45.77 -19.67 -20.90
C SER B 47 -45.74 -18.36 -20.07
N PHE B 48 -45.57 -18.52 -18.75
CA PHE B 48 -45.33 -17.43 -17.77
C PHE B 48 -43.88 -17.41 -17.24
N ARG B 49 -43.22 -16.24 -17.36
CA ARG B 49 -41.84 -16.03 -16.91
C ARG B 49 -41.58 -14.65 -16.28
N LEU B 50 -40.32 -14.40 -15.86
CA LEU B 50 -39.84 -13.11 -15.25
C LEU B 50 -40.64 -12.62 -13.99
N PRO B 51 -40.72 -13.46 -12.98
CA PRO B 51 -41.47 -13.16 -11.74
C PRO B 51 -41.02 -11.97 -10.95
N ALA B 52 -41.95 -11.21 -10.39
CA ALA B 52 -41.64 -10.12 -9.46
C ALA B 52 -42.76 -10.02 -8.41
N LEU B 53 -42.43 -10.12 -7.12
CA LEU B 53 -43.44 -10.10 -6.03
C LEU B 53 -43.26 -8.98 -4.99
N VAL B 54 -44.28 -8.14 -4.84
CA VAL B 54 -44.15 -7.01 -3.91
C VAL B 54 -45.35 -6.78 -2.98
N ASN B 55 -45.17 -5.84 -2.06
CA ASN B 55 -46.20 -5.43 -1.11
C ASN B 55 -46.60 -3.97 -1.24
N VAL B 56 -47.85 -3.69 -1.58
CA VAL B 56 -48.32 -2.31 -1.69
C VAL B 56 -49.38 -2.03 -0.63
N ASP B 57 -48.95 -1.49 0.49
CA ASP B 57 -49.80 -1.10 1.62
C ASP B 57 -50.83 -2.15 2.08
N GLY B 58 -50.40 -3.41 2.20
CA GLY B 58 -51.32 -4.45 2.63
C GLY B 58 -51.68 -5.40 1.49
N VAL B 59 -51.53 -4.95 0.25
CA VAL B 59 -51.90 -5.77 -0.89
C VAL B 59 -50.66 -6.41 -1.54
N MET B 60 -50.63 -7.75 -1.65
CA MET B 60 -49.59 -8.44 -2.42
C MET B 60 -49.90 -8.34 -3.91
N VAL B 61 -48.92 -7.99 -4.74
CA VAL B 61 -49.08 -7.89 -6.18
C VAL B 61 -48.01 -8.74 -6.82
N ALA B 62 -48.37 -9.51 -7.85
CA ALA B 62 -47.39 -10.29 -8.58
C ALA B 62 -47.36 -9.90 -10.07
N ILE B 63 -46.19 -9.60 -10.60
CA ILE B 63 -46.08 -9.14 -11.97
C ILE B 63 -45.22 -10.08 -12.79
N ALA B 64 -45.52 -10.20 -14.09
CA ALA B 64 -44.77 -11.16 -14.94
C ALA B 64 -45.00 -11.05 -16.44
N ASP B 65 -44.20 -11.83 -17.18
CA ASP B 65 -44.32 -12.00 -18.63
C ASP B 65 -45.44 -13.01 -18.85
N ALA B 66 -46.35 -12.69 -19.78
CA ALA B 66 -47.37 -13.62 -20.27
C ALA B 66 -47.07 -13.91 -21.75
N ARG B 67 -46.53 -15.10 -22.04
CA ARG B 67 -46.18 -15.41 -23.44
C ARG B 67 -47.22 -16.36 -24.04
N TYR B 68 -48.11 -15.76 -24.83
CA TYR B 68 -49.32 -16.39 -25.42
C TYR B 68 -49.15 -17.65 -26.29
N GLU B 69 -48.25 -17.61 -27.27
CA GLU B 69 -48.15 -18.69 -28.27
C GLU B 69 -46.97 -19.64 -28.10
N THR B 70 -45.87 -19.16 -27.49
CA THR B 70 -44.60 -19.92 -27.34
C THR B 70 -43.73 -19.35 -26.19
N SER B 71 -42.57 -19.95 -25.92
CA SER B 71 -41.65 -19.43 -24.90
C SER B 71 -40.41 -18.72 -25.48
N PHE B 72 -40.32 -18.69 -26.81
CA PHE B 72 -39.23 -18.04 -27.51
C PHE B 72 -39.17 -16.56 -27.12
N ASP B 73 -37.96 -16.04 -26.95
CA ASP B 73 -37.84 -14.65 -26.55
C ASP B 73 -38.47 -13.68 -27.53
N ASN B 74 -38.37 -13.97 -28.83
CA ASN B 74 -38.89 -13.01 -29.78
C ASN B 74 -40.22 -13.37 -30.42
N SER B 75 -41.29 -13.30 -29.61
CA SER B 75 -42.67 -13.63 -30.00
C SER B 75 -43.68 -12.67 -29.35
N LEU B 76 -44.96 -13.06 -29.25
CA LEU B 76 -46.03 -12.17 -28.72
C LEU B 76 -46.23 -12.17 -27.19
N ILE B 77 -45.88 -11.05 -26.53
CA ILE B 77 -45.98 -10.96 -25.04
C ILE B 77 -46.70 -9.73 -24.47
N ASP B 78 -47.54 -9.94 -23.46
CA ASP B 78 -48.15 -8.84 -22.70
C ASP B 78 -47.61 -9.00 -21.26
N THR B 79 -47.68 -7.94 -20.46
CA THR B 79 -47.26 -8.00 -19.07
C THR B 79 -48.49 -8.16 -18.21
N VAL B 80 -48.58 -9.26 -17.45
CA VAL B 80 -49.75 -9.52 -16.60
C VAL B 80 -49.56 -9.21 -15.11
N ALA B 81 -50.67 -9.07 -14.38
CA ALA B 81 -50.60 -8.79 -12.95
C ALA B 81 -51.67 -9.52 -12.16
N LYS B 82 -51.30 -10.02 -10.99
CA LYS B 82 -52.27 -10.62 -10.09
C LYS B 82 -52.17 -9.92 -8.72
N TYR B 83 -53.27 -9.78 -8.00
CA TYR B 83 -53.28 -9.09 -6.68
C TYR B 83 -54.25 -9.71 -5.64
N SER B 84 -53.84 -9.66 -4.39
CA SER B 84 -54.60 -10.28 -3.31
C SER B 84 -54.49 -9.58 -1.96
N VAL B 85 -55.53 -9.68 -1.14
CA VAL B 85 -55.58 -8.99 0.13
C VAL B 85 -55.75 -9.95 1.29
N ASP B 86 -55.70 -11.23 1.00
CA ASP B 86 -55.76 -12.23 2.04
C ASP B 86 -54.47 -13.05 2.09
N ASP B 87 -53.35 -12.34 2.05
CA ASP B 87 -52.02 -12.94 2.04
C ASP B 87 -51.88 -14.17 1.13
N GLY B 88 -52.57 -14.17 0.00
CA GLY B 88 -52.37 -15.25 -0.95
C GLY B 88 -53.41 -16.35 -1.09
N GLU B 89 -54.43 -16.39 -0.24
CA GLU B 89 -55.50 -17.34 -0.45
C GLU B 89 -56.12 -17.10 -1.84
N THR B 90 -56.56 -15.86 -2.11
CA THR B 90 -57.21 -15.57 -3.40
C THR B 90 -56.68 -14.39 -4.24
N TRP B 91 -56.75 -14.53 -5.55
CA TRP B 91 -56.20 -13.51 -6.44
C TRP B 91 -57.17 -13.06 -7.53
N GLU B 92 -57.09 -11.79 -7.91
CA GLU B 92 -57.81 -11.28 -9.10
C GLU B 92 -56.78 -11.18 -10.26
N THR B 93 -57.22 -11.06 -11.49
CA THR B 93 -56.27 -11.01 -12.60
C THR B 93 -56.50 -9.86 -13.60
N GLN B 94 -55.43 -9.32 -14.18
CA GLN B 94 -55.51 -8.23 -15.19
C GLN B 94 -54.28 -8.12 -16.07
N ILE B 95 -54.39 -7.45 -17.23
CA ILE B 95 -53.20 -7.10 -18.00
C ILE B 95 -52.79 -5.68 -17.59
N ALA B 96 -51.50 -5.47 -17.29
CA ALA B 96 -51.07 -4.16 -16.85
C ALA B 96 -50.59 -3.25 -17.99
N ILE B 97 -49.87 -3.83 -18.95
CA ILE B 97 -49.39 -3.10 -20.14
C ILE B 97 -49.62 -3.98 -21.37
N LYS B 98 -50.02 -3.40 -22.50
CA LYS B 98 -50.13 -4.21 -23.74
C LYS B 98 -49.13 -3.79 -24.82
N ASN B 99 -48.69 -4.75 -25.66
CA ASN B 99 -47.76 -4.44 -26.75
C ASN B 99 -48.39 -3.59 -27.87
N SER B 100 -47.62 -3.23 -28.90
CA SER B 100 -48.16 -2.38 -29.97
C SER B 100 -49.14 -3.03 -30.95
N ARG B 101 -49.28 -4.37 -30.89
CA ARG B 101 -50.14 -5.10 -31.83
C ARG B 101 -49.74 -4.88 -33.29
N ALA B 102 -48.48 -4.52 -33.53
CA ALA B 102 -48.07 -4.19 -34.89
C ALA B 102 -47.88 -5.39 -35.81
N SER B 103 -47.34 -6.46 -35.27
CA SER B 103 -47.16 -7.66 -36.06
C SER B 103 -47.43 -8.82 -35.13
N SER B 104 -47.17 -10.04 -35.58
CA SER B 104 -47.44 -11.21 -34.76
C SER B 104 -46.42 -11.44 -33.64
N VAL B 105 -45.29 -10.72 -33.68
CA VAL B 105 -44.26 -10.84 -32.63
C VAL B 105 -44.03 -9.56 -31.81
N SER B 106 -45.00 -8.66 -31.80
CA SER B 106 -44.88 -7.43 -31.01
C SER B 106 -44.77 -7.81 -29.52
N ARG B 107 -44.01 -7.06 -28.74
CA ARG B 107 -43.79 -7.49 -27.35
C ARG B 107 -43.31 -6.42 -26.39
N VAL B 108 -43.80 -6.47 -25.16
CA VAL B 108 -43.21 -5.66 -24.07
C VAL B 108 -42.46 -6.64 -23.17
N VAL B 109 -41.19 -6.34 -22.88
CA VAL B 109 -40.32 -7.30 -22.19
C VAL B 109 -39.61 -6.85 -20.88
N ASP B 110 -39.09 -7.86 -20.16
CA ASP B 110 -38.32 -7.69 -18.90
C ASP B 110 -38.85 -6.62 -17.96
N PRO B 111 -40.10 -6.74 -17.51
CA PRO B 111 -40.70 -5.74 -16.62
C PRO B 111 -39.94 -5.57 -15.31
N THR B 112 -39.68 -4.33 -14.90
CA THR B 112 -38.94 -4.02 -13.67
C THR B 112 -39.77 -3.09 -12.78
N VAL B 113 -39.96 -3.48 -11.52
CA VAL B 113 -40.92 -2.84 -10.63
C VAL B 113 -40.36 -2.07 -9.43
N ILE B 114 -40.98 -0.92 -9.13
CA ILE B 114 -40.68 -0.12 -7.93
C ILE B 114 -41.97 0.27 -7.20
N VAL B 115 -42.00 0.16 -5.88
CA VAL B 115 -43.18 0.55 -5.11
C VAL B 115 -42.92 1.85 -4.35
N LYS B 116 -43.81 2.83 -4.49
CA LYS B 116 -43.70 4.09 -3.75
C LYS B 116 -45.05 4.62 -3.31
N GLY B 117 -45.33 4.51 -2.00
CA GLY B 117 -46.62 4.91 -1.48
C GLY B 117 -47.66 3.92 -1.98
N ASN B 118 -48.62 4.41 -2.76
CA ASN B 118 -49.64 3.50 -3.27
C ASN B 118 -49.55 3.37 -4.78
N LYS B 119 -48.38 3.61 -5.33
CA LYS B 119 -48.16 3.48 -6.76
C LYS B 119 -47.15 2.38 -7.15
N LEU B 120 -47.28 1.89 -8.39
CA LEU B 120 -46.38 0.89 -8.96
C LEU B 120 -45.78 1.46 -10.24
N TYR B 121 -44.46 1.60 -10.28
CA TYR B 121 -43.77 2.07 -11.48
C TYR B 121 -43.20 0.86 -12.24
N VAL B 122 -43.62 0.64 -13.48
CA VAL B 122 -43.13 -0.51 -14.25
C VAL B 122 -42.44 -0.10 -15.53
N LEU B 123 -41.20 -0.53 -15.71
CA LEU B 123 -40.35 -0.19 -16.86
C LEU B 123 -40.19 -1.36 -17.84
N VAL B 124 -40.52 -1.17 -19.14
CA VAL B 124 -40.35 -2.24 -20.15
C VAL B 124 -39.86 -1.81 -21.53
N GLY B 125 -39.15 -2.72 -22.18
CA GLY B 125 -38.71 -2.52 -23.55
C GLY B 125 -39.89 -2.85 -24.46
N SER B 126 -39.87 -2.26 -25.66
CA SER B 126 -40.95 -2.44 -26.62
C SER B 126 -40.40 -2.68 -28.01
N TYR B 127 -40.87 -3.74 -28.67
CA TYR B 127 -40.39 -4.14 -30.00
C TYR B 127 -41.54 -4.41 -30.97
N ASN B 128 -41.40 -3.99 -32.23
CA ASN B 128 -42.50 -4.18 -33.20
C ASN B 128 -42.38 -5.44 -34.07
N SER B 129 -41.23 -5.62 -34.74
CA SER B 129 -41.08 -6.79 -35.62
C SER B 129 -39.71 -7.49 -35.77
N SER B 130 -38.73 -7.24 -34.90
CA SER B 130 -37.50 -8.03 -35.04
C SER B 130 -37.74 -9.46 -34.59
N ARG B 131 -36.82 -10.33 -34.96
CA ARG B 131 -36.91 -11.74 -34.62
C ARG B 131 -35.61 -12.24 -34.03
N SER B 132 -34.61 -11.38 -33.98
CA SER B 132 -33.34 -11.75 -33.37
C SER B 132 -33.14 -11.11 -31.98
N TYR B 133 -32.34 -11.75 -31.13
CA TYR B 133 -32.08 -11.28 -29.78
C TYR B 133 -31.53 -9.87 -29.76
N TRP B 134 -32.00 -9.08 -28.79
CA TRP B 134 -31.60 -7.68 -28.70
C TRP B 134 -30.08 -7.47 -28.65
N THR B 135 -29.35 -8.42 -28.08
CA THR B 135 -27.90 -8.26 -28.08
C THR B 135 -27.28 -8.24 -29.50
N SER B 136 -28.00 -8.79 -30.48
CA SER B 136 -27.47 -8.80 -31.86
C SER B 136 -27.82 -7.60 -32.73
N HIS B 137 -28.82 -6.83 -32.36
CA HIS B 137 -29.22 -5.76 -33.25
C HIS B 137 -28.03 -4.84 -33.51
N GLY B 138 -27.90 -4.38 -34.75
CA GLY B 138 -26.87 -3.43 -35.11
C GLY B 138 -27.36 -1.99 -35.14
N ASP B 139 -28.67 -1.79 -34.99
CA ASP B 139 -29.33 -0.47 -35.01
C ASP B 139 -30.54 -0.48 -34.06
N ALA B 140 -31.19 0.68 -33.88
CA ALA B 140 -32.30 0.77 -32.93
C ALA B 140 -33.63 1.23 -33.52
N ARG B 141 -33.88 0.90 -34.78
CA ARG B 141 -35.12 1.28 -35.46
C ARG B 141 -36.36 0.47 -35.03
N ASP B 142 -36.17 -0.70 -34.42
CA ASP B 142 -37.33 -1.50 -34.01
C ASP B 142 -37.66 -1.40 -32.49
N TRP B 143 -36.96 -0.51 -31.76
CA TRP B 143 -36.97 -0.47 -30.28
C TRP B 143 -37.53 0.80 -29.61
N ASP B 144 -38.18 0.65 -28.45
CA ASP B 144 -38.63 1.78 -27.62
C ASP B 144 -38.48 1.38 -26.14
N ILE B 145 -38.56 2.36 -25.25
CA ILE B 145 -38.41 2.12 -23.80
C ILE B 145 -39.54 2.87 -23.04
N LEU B 146 -40.40 2.10 -22.35
CA LEU B 146 -41.60 2.67 -21.72
C LEU B 146 -41.79 2.52 -20.20
N LEU B 147 -42.58 3.44 -19.63
CA LEU B 147 -42.96 3.46 -18.21
C LEU B 147 -44.48 3.59 -18.02
N ALA B 148 -45.04 2.73 -17.18
CA ALA B 148 -46.45 2.73 -16.85
C ALA B 148 -46.66 2.86 -15.35
N VAL B 149 -47.69 3.60 -14.94
CA VAL B 149 -47.98 3.77 -13.52
C VAL B 149 -49.35 3.18 -13.17
N GLY B 150 -49.36 2.28 -12.20
CA GLY B 150 -50.58 1.68 -11.70
C GLY B 150 -50.88 2.21 -10.31
N GLU B 151 -52.13 2.59 -10.07
CA GLU B 151 -52.57 3.13 -8.77
C GLU B 151 -53.44 2.16 -7.94
N VAL B 152 -53.09 2.00 -6.68
CA VAL B 152 -53.82 1.09 -5.80
C VAL B 152 -54.74 1.77 -4.78
N THR B 153 -56.03 1.47 -4.82
CA THR B 153 -56.92 2.03 -3.82
C THR B 153 -57.71 0.95 -3.11
N LYS B 154 -57.84 1.12 -1.79
CA LYS B 154 -58.51 0.17 -0.91
C LYS B 154 -59.86 0.67 -0.43
N SER B 155 -60.81 -0.25 -0.32
CA SER B 155 -62.16 0.06 0.13
C SER B 155 -62.63 -1.09 1.02
N THR B 156 -63.69 -0.87 1.78
CA THR B 156 -64.22 -1.90 2.68
C THR B 156 -65.65 -2.26 2.31
N ALA B 157 -66.04 -1.92 1.09
CA ALA B 157 -67.41 -2.08 0.62
C ALA B 157 -67.98 -3.47 0.85
N GLY B 158 -68.59 -3.64 2.03
CA GLY B 158 -69.21 -4.91 2.39
C GLY B 158 -68.91 -5.46 3.78
N GLY B 159 -68.15 -4.72 4.61
CA GLY B 159 -67.75 -5.21 5.91
C GLY B 159 -66.36 -5.84 5.86
N LYS B 160 -66.07 -6.47 4.73
CA LYS B 160 -64.77 -7.11 4.49
C LYS B 160 -63.98 -6.29 3.47
N ILE B 161 -62.65 -6.43 3.51
CA ILE B 161 -61.73 -5.64 2.68
C ILE B 161 -61.71 -5.96 1.19
N THR B 162 -61.69 -4.92 0.35
CA THR B 162 -61.45 -5.11 -1.09
C THR B 162 -60.33 -4.19 -1.58
N ALA B 163 -60.01 -4.31 -2.87
CA ALA B 163 -58.99 -3.50 -3.50
C ALA B 163 -59.12 -3.57 -5.00
N SER B 164 -58.69 -2.50 -5.68
CA SER B 164 -58.61 -2.49 -7.14
C SER B 164 -57.38 -1.72 -7.60
N ILE B 165 -57.02 -1.88 -8.88
CA ILE B 165 -55.83 -1.24 -9.44
C ILE B 165 -56.06 -0.65 -10.84
N LYS B 166 -55.87 0.66 -10.97
CA LYS B 166 -56.06 1.36 -12.22
C LYS B 166 -54.72 1.69 -12.93
N TRP B 167 -54.59 1.25 -14.18
CA TRP B 167 -53.36 1.41 -14.97
C TRP B 167 -53.36 2.55 -16.04
N GLY B 168 -52.37 3.43 -15.98
CA GLY B 168 -52.30 4.52 -16.94
C GLY B 168 -51.65 4.11 -18.26
N SER B 169 -51.76 4.98 -19.26
CA SER B 169 -51.09 4.71 -20.52
C SER B 169 -49.57 4.79 -20.35
N PRO B 170 -48.83 3.99 -21.11
CA PRO B 170 -47.37 4.06 -21.08
C PRO B 170 -46.86 5.32 -21.75
N VAL B 171 -45.76 5.87 -21.25
CA VAL B 171 -45.08 7.05 -21.80
C VAL B 171 -43.67 6.64 -22.15
N SER B 172 -43.16 7.13 -23.27
CA SER B 172 -41.81 6.79 -23.72
C SER B 172 -40.78 7.62 -23.00
N LEU B 173 -39.66 6.99 -22.65
CA LEU B 173 -38.59 7.70 -21.94
C LEU B 173 -37.35 7.93 -22.83
N LYS B 174 -37.53 7.75 -24.14
CA LYS B 174 -36.43 7.89 -25.10
C LYS B 174 -35.72 9.25 -25.12
N GLU B 175 -36.46 10.34 -24.90
CA GLU B 175 -35.79 11.66 -24.89
C GLU B 175 -34.64 11.70 -23.87
N PHE B 176 -34.59 10.76 -22.93
CA PHE B 176 -33.53 10.76 -21.89
C PHE B 176 -32.30 9.91 -22.17
N PHE B 177 -32.24 9.26 -23.32
CA PHE B 177 -31.16 8.38 -23.71
C PHE B 177 -30.16 9.14 -24.59
N PRO B 178 -29.02 9.50 -24.01
CA PRO B 178 -27.98 10.28 -24.72
C PRO B 178 -27.31 9.43 -25.80
N ALA B 179 -26.93 10.05 -26.93
CA ALA B 179 -26.31 9.33 -28.06
C ALA B 179 -24.88 8.85 -27.80
N GLU B 180 -24.21 9.42 -26.80
CA GLU B 180 -22.86 9.02 -26.49
C GLU B 180 -22.65 8.89 -24.99
N MET B 181 -21.78 7.96 -24.62
CA MET B 181 -21.28 7.81 -23.25
C MET B 181 -19.78 7.51 -23.49
N GLU B 182 -18.91 7.87 -22.55
CA GLU B 182 -17.47 7.65 -22.70
C GLU B 182 -17.01 7.62 -24.17
N GLY B 183 -16.39 6.51 -24.52
CA GLY B 183 -15.87 6.30 -25.86
C GLY B 183 -16.72 5.30 -26.61
N MET B 184 -18.03 5.45 -26.47
CA MET B 184 -18.96 4.58 -27.18
C MET B 184 -20.05 5.42 -27.80
N HIS B 185 -20.76 4.82 -28.76
CA HIS B 185 -21.97 5.38 -29.32
C HIS B 185 -23.12 4.44 -28.84
N THR B 186 -24.20 5.00 -28.29
CA THR B 186 -25.23 4.16 -27.68
C THR B 186 -26.13 3.41 -28.64
N ASN B 187 -26.63 2.26 -28.22
CA ASN B 187 -27.58 1.57 -29.05
C ASN B 187 -28.97 1.42 -28.44
N GLN B 188 -29.09 0.60 -27.39
CA GLN B 188 -30.38 0.34 -26.69
C GLN B 188 -30.21 0.25 -25.17
N PHE B 189 -31.32 0.20 -24.43
CA PHE B 189 -31.29 -0.12 -23.01
C PHE B 189 -32.58 -0.78 -22.55
N LEU B 190 -32.47 -1.53 -21.45
CA LEU B 190 -33.57 -2.27 -20.83
C LEU B 190 -33.33 -2.36 -19.33
N GLY B 191 -34.38 -2.59 -18.55
CA GLY B 191 -34.25 -2.79 -17.11
C GLY B 191 -33.57 -4.10 -16.77
N GLY B 192 -33.16 -4.26 -15.52
CA GLY B 192 -32.49 -5.46 -15.04
C GLY B 192 -33.43 -6.59 -14.62
N ALA B 193 -34.75 -6.36 -14.66
CA ALA B 193 -35.67 -7.43 -14.30
C ALA B 193 -35.90 -7.48 -12.80
N GLY B 194 -37.03 -8.04 -12.38
CA GLY B 194 -37.37 -8.16 -10.97
C GLY B 194 -37.83 -6.86 -10.31
N VAL B 195 -37.35 -6.64 -9.08
CA VAL B 195 -37.76 -5.52 -8.26
C VAL B 195 -36.59 -4.59 -7.88
N ALA B 196 -36.78 -3.27 -8.01
CA ALA B 196 -35.75 -2.26 -7.71
C ALA B 196 -36.17 -1.44 -6.50
N ILE B 197 -35.69 -0.21 -6.33
CA ILE B 197 -35.93 0.50 -5.05
C ILE B 197 -36.19 2.03 -5.03
N VAL B 198 -36.70 2.52 -3.91
CA VAL B 198 -36.70 3.97 -3.66
C VAL B 198 -35.54 4.25 -2.68
N ALA B 199 -34.64 5.17 -3.03
CA ALA B 199 -33.51 5.41 -2.15
C ALA B 199 -33.92 6.21 -0.92
N SER B 200 -33.04 6.31 0.09
CA SER B 200 -33.47 7.03 1.31
C SER B 200 -33.57 8.57 1.18
N ASN B 201 -33.17 9.11 0.04
CA ASN B 201 -33.31 10.52 -0.21
C ASN B 201 -34.51 10.72 -1.14
N GLY B 202 -35.22 9.63 -1.44
CA GLY B 202 -36.39 9.77 -2.27
C GLY B 202 -36.31 9.36 -3.74
N ASN B 203 -35.12 9.33 -4.31
CA ASN B 203 -34.99 8.96 -5.72
C ASN B 203 -35.49 7.57 -6.07
N LEU B 204 -36.10 7.48 -7.23
CA LEU B 204 -36.49 6.23 -7.85
C LEU B 204 -35.23 5.69 -8.49
N VAL B 205 -34.72 4.53 -8.05
CA VAL B 205 -33.48 3.98 -8.66
C VAL B 205 -33.67 2.65 -9.43
N TYR B 206 -33.33 2.70 -10.72
CA TYR B 206 -33.40 1.54 -11.62
C TYR B 206 -32.02 1.13 -12.10
N PRO B 207 -31.54 -0.06 -11.74
CA PRO B 207 -30.31 -0.61 -12.36
C PRO B 207 -30.62 -1.04 -13.79
N VAL B 208 -29.87 -0.59 -14.79
CA VAL B 208 -30.18 -0.98 -16.18
C VAL B 208 -29.04 -1.64 -16.99
N GLN B 209 -29.40 -2.37 -18.04
CA GLN B 209 -28.44 -3.00 -18.96
C GLN B 209 -28.44 -2.32 -20.36
N VAL B 210 -27.25 -2.09 -20.92
CA VAL B 210 -27.08 -1.33 -22.15
C VAL B 210 -26.11 -1.97 -23.17
N THR B 211 -26.33 -1.67 -24.46
CA THR B 211 -25.44 -2.11 -25.55
C THR B 211 -24.89 -0.93 -26.33
N ASN B 212 -23.68 -1.07 -26.87
CA ASN B 212 -23.14 -0.06 -27.77
C ASN B 212 -23.11 -0.56 -29.21
N LYS B 213 -22.62 0.30 -30.10
CA LYS B 213 -22.56 -0.02 -31.54
C LYS B 213 -21.64 -1.19 -31.88
N LYS B 214 -20.82 -1.61 -30.93
CA LYS B 214 -19.96 -2.76 -31.16
C LYS B 214 -20.61 -4.04 -30.64
N LYS B 215 -21.80 -3.91 -30.10
CA LYS B 215 -22.53 -5.06 -29.55
C LYS B 215 -22.02 -5.54 -28.19
N GLN B 216 -21.32 -4.67 -27.46
CA GLN B 216 -20.86 -5.02 -26.11
C GLN B 216 -21.96 -4.67 -25.07
N VAL B 217 -22.06 -5.45 -24.00
CA VAL B 217 -23.03 -5.17 -22.93
C VAL B 217 -22.36 -4.63 -21.66
N PHE B 218 -23.10 -3.83 -20.89
CA PHE B 218 -22.60 -3.28 -19.63
C PHE B 218 -23.75 -2.73 -18.77
N SER B 219 -23.53 -2.55 -17.46
CA SER B 219 -24.61 -2.08 -16.56
C SER B 219 -24.50 -0.63 -16.06
N LYS B 220 -25.62 0.10 -15.99
CA LYS B 220 -25.65 1.50 -15.46
C LYS B 220 -26.74 1.76 -14.37
N ILE B 221 -26.64 2.91 -13.72
CA ILE B 221 -27.68 3.38 -12.78
C ILE B 221 -28.50 4.47 -13.48
N PHE B 222 -29.83 4.36 -13.45
CA PHE B 222 -30.81 5.22 -14.15
C PHE B 222 -31.82 5.78 -13.06
N TYR B 223 -31.85 7.11 -12.84
CA TYR B 223 -32.61 7.64 -11.69
C TYR B 223 -33.51 8.90 -11.90
N SER B 224 -34.43 9.15 -10.96
CA SER B 224 -35.36 10.30 -11.05
C SER B 224 -35.56 11.04 -9.73
N GLU B 225 -35.46 12.37 -9.76
CA GLU B 225 -35.59 13.19 -8.56
C GLU B 225 -36.97 13.83 -8.37
N ASP B 226 -37.86 13.67 -9.36
CA ASP B 226 -39.18 14.31 -9.31
C ASP B 226 -40.39 13.36 -9.49
N GLU B 227 -40.37 12.18 -8.87
CA GLU B 227 -41.48 11.25 -9.04
C GLU B 227 -41.62 10.65 -10.46
N GLY B 228 -40.57 10.71 -11.27
CA GLY B 228 -40.61 10.00 -12.54
C GLY B 228 -40.92 10.82 -13.76
N LYS B 229 -40.95 12.14 -13.58
CA LYS B 229 -41.22 13.04 -14.69
C LYS B 229 -40.01 13.21 -15.61
N THR B 230 -38.80 13.29 -15.04
CA THR B 230 -37.55 13.35 -15.82
C THR B 230 -36.53 12.33 -15.35
N TRP B 231 -35.50 12.05 -16.16
CA TRP B 231 -34.58 10.96 -15.82
C TRP B 231 -33.10 11.16 -16.20
N LYS B 232 -32.18 10.82 -15.30
CA LYS B 232 -30.73 10.92 -15.56
C LYS B 232 -29.91 9.60 -15.54
N PHE B 233 -28.67 9.66 -16.00
CA PHE B 233 -27.71 8.54 -15.96
C PHE B 233 -26.52 8.99 -15.12
N GLY B 234 -26.11 8.15 -14.17
CA GLY B 234 -24.87 8.36 -13.43
C GLY B 234 -23.74 8.14 -14.45
N LYS B 235 -22.59 8.73 -14.21
CA LYS B 235 -21.54 8.71 -15.23
C LYS B 235 -20.70 7.43 -15.38
N GLY B 236 -20.56 6.64 -14.32
CA GLY B 236 -19.80 5.39 -14.40
C GLY B 236 -20.49 4.21 -15.06
N ARG B 237 -19.84 3.03 -14.98
CA ARG B 237 -20.32 1.75 -15.52
C ARG B 237 -19.49 0.54 -15.00
N SER B 238 -20.07 -0.66 -15.08
CA SER B 238 -19.36 -1.90 -14.72
C SER B 238 -18.39 -2.28 -15.87
N ALA B 239 -17.77 -3.47 -15.76
CA ALA B 239 -16.93 -4.02 -16.80
C ALA B 239 -17.81 -4.49 -17.94
N PHE B 240 -17.25 -4.67 -19.14
CA PHE B 240 -18.01 -5.22 -20.25
C PHE B 240 -18.35 -6.65 -19.94
N GLY B 241 -19.60 -7.03 -20.23
CA GLY B 241 -20.04 -8.40 -20.03
C GLY B 241 -20.96 -8.67 -18.84
N CYS B 242 -21.33 -7.63 -18.09
CA CYS B 242 -22.25 -7.73 -16.98
C CYS B 242 -23.67 -7.35 -17.41
N SER B 243 -24.57 -8.34 -17.35
CA SER B 243 -25.98 -8.19 -17.69
C SER B 243 -26.92 -8.30 -16.45
N GLU B 244 -28.23 -8.18 -16.66
CA GLU B 244 -29.23 -8.28 -15.60
C GLU B 244 -28.84 -7.88 -14.17
N PRO B 245 -28.46 -6.61 -13.96
CA PRO B 245 -28.03 -6.15 -12.64
C PRO B 245 -29.19 -6.01 -11.67
N VAL B 246 -28.92 -6.20 -10.37
CA VAL B 246 -29.97 -6.06 -9.35
C VAL B 246 -29.38 -5.34 -8.14
N ALA B 247 -30.11 -4.34 -7.59
CA ALA B 247 -29.50 -3.50 -6.58
C ALA B 247 -30.27 -3.29 -5.28
N LEU B 248 -29.54 -2.92 -4.23
CA LEU B 248 -30.07 -2.53 -2.92
C LEU B 248 -29.23 -1.41 -2.24
N GLU B 249 -29.73 -0.92 -1.11
CA GLU B 249 -29.04 0.11 -0.31
C GLU B 249 -28.59 -0.45 1.05
N TRP B 250 -27.33 -0.22 1.42
CA TRP B 250 -26.74 -0.69 2.69
C TRP B 250 -25.80 0.37 3.25
N GLU B 251 -26.15 0.91 4.42
CA GLU B 251 -25.32 1.94 5.09
C GLU B 251 -24.87 3.09 4.18
N GLY B 252 -25.82 3.78 3.57
CA GLY B 252 -25.47 4.90 2.72
C GLY B 252 -25.00 4.62 1.29
N LYS B 253 -24.82 3.37 0.92
CA LYS B 253 -24.38 3.09 -0.45
C LYS B 253 -25.33 2.17 -1.25
N LEU B 254 -25.15 2.16 -2.57
CA LEU B 254 -25.82 1.23 -3.45
C LEU B 254 -24.94 -0.02 -3.66
N ILE B 255 -25.50 -1.22 -3.52
CA ILE B 255 -24.75 -2.43 -3.85
C ILE B 255 -25.33 -3.04 -5.11
N ILE B 256 -24.47 -3.26 -6.12
CA ILE B 256 -24.88 -3.76 -7.43
C ILE B 256 -24.32 -5.14 -7.80
N ASN B 257 -25.24 -6.10 -7.91
CA ASN B 257 -24.94 -7.54 -8.04
C ASN B 257 -25.27 -8.00 -9.46
N THR B 258 -24.26 -8.21 -10.31
CA THR B 258 -24.50 -8.53 -11.73
C THR B 258 -24.32 -9.99 -12.24
N ARG B 259 -24.91 -10.28 -13.38
CA ARG B 259 -24.83 -11.58 -14.06
C ARG B 259 -23.72 -11.55 -15.08
N VAL B 260 -22.91 -12.61 -15.09
CA VAL B 260 -21.85 -12.71 -16.09
C VAL B 260 -21.80 -14.10 -16.70
N ASP B 261 -22.24 -14.23 -17.95
CA ASP B 261 -22.23 -15.55 -18.57
C ASP B 261 -20.81 -16.14 -18.61
N TYR B 262 -20.65 -17.38 -18.17
CA TYR B 262 -19.35 -18.05 -18.24
C TYR B 262 -18.28 -17.53 -17.31
N ARG B 263 -18.66 -17.00 -16.16
CA ARG B 263 -17.68 -16.46 -15.20
C ARG B 263 -18.33 -16.27 -13.81
N ARG B 264 -17.50 -16.15 -12.78
CA ARG B 264 -17.97 -15.92 -11.42
C ARG B 264 -18.65 -14.54 -11.39
N ARG B 265 -19.66 -14.34 -10.52
CA ARG B 265 -20.42 -13.06 -10.45
C ARG B 265 -19.66 -11.85 -9.88
N LEU B 266 -19.85 -10.69 -10.52
CA LEU B 266 -19.22 -9.43 -10.11
C LEU B 266 -20.17 -8.49 -9.36
N VAL B 267 -19.72 -8.01 -8.20
CA VAL B 267 -20.48 -7.09 -7.35
C VAL B 267 -19.71 -5.77 -7.12
N TYR B 268 -20.41 -4.64 -7.13
CA TYR B 268 -19.77 -3.34 -6.98
C TYR B 268 -20.47 -2.44 -5.94
N GLU B 269 -19.81 -1.36 -5.52
CA GLU B 269 -20.44 -0.37 -4.66
C GLU B 269 -20.33 1.06 -5.21
N SER B 270 -21.35 1.88 -4.97
CA SER B 270 -21.32 3.29 -5.37
C SER B 270 -22.05 4.18 -4.35
N SER B 271 -21.38 5.25 -3.93
CA SER B 271 -21.91 6.16 -2.92
C SER B 271 -22.48 7.46 -3.48
N ASP B 272 -22.39 7.64 -4.77
CA ASP B 272 -22.83 8.89 -5.39
C ASP B 272 -23.83 8.70 -6.55
N MET B 273 -24.87 7.90 -6.30
CA MET B 273 -25.95 7.69 -7.27
C MET B 273 -25.43 7.21 -8.63
N GLY B 274 -24.32 6.46 -8.61
CA GLY B 274 -23.76 5.89 -9.82
C GLY B 274 -22.67 6.64 -10.58
N ASN B 275 -22.20 7.77 -10.06
CA ASN B 275 -21.13 8.52 -10.75
C ASN B 275 -19.78 7.84 -10.59
N THR B 276 -19.70 6.85 -9.69
CA THR B 276 -18.44 6.13 -9.44
C THR B 276 -18.69 4.66 -9.01
N TRP B 277 -17.94 3.71 -9.57
CA TRP B 277 -18.10 2.26 -9.32
C TRP B 277 -16.84 1.56 -8.81
N LEU B 278 -16.95 0.82 -7.71
CA LEU B 278 -15.84 0.15 -7.07
C LEU B 278 -16.11 -1.34 -6.77
N GLU B 279 -15.24 -2.24 -7.26
CA GLU B 279 -15.44 -3.66 -7.00
C GLU B 279 -15.36 -4.02 -5.51
N ALA B 280 -16.35 -4.77 -5.05
CA ALA B 280 -16.47 -5.20 -3.66
C ALA B 280 -15.61 -6.41 -3.30
N VAL B 281 -14.31 -6.29 -3.50
CA VAL B 281 -13.37 -7.37 -3.28
C VAL B 281 -13.30 -7.89 -1.84
N GLY B 282 -13.60 -7.04 -0.88
CA GLY B 282 -13.51 -7.43 0.52
C GLY B 282 -14.73 -8.13 1.09
N THR B 283 -15.83 -8.17 0.34
CA THR B 283 -17.04 -8.79 0.85
C THR B 283 -17.66 -9.86 -0.02
N LEU B 284 -18.42 -9.44 -1.03
CA LEU B 284 -19.28 -10.32 -1.85
C LEU B 284 -18.86 -10.60 -3.31
N SER B 285 -18.00 -9.77 -3.90
CA SER B 285 -17.60 -10.04 -5.28
C SER B 285 -16.90 -11.40 -5.46
N ARG B 286 -17.21 -12.08 -6.58
CA ARG B 286 -16.64 -13.41 -6.93
C ARG B 286 -17.01 -14.57 -5.97
N VAL B 287 -17.88 -14.31 -4.99
CA VAL B 287 -18.36 -15.37 -4.12
C VAL B 287 -19.26 -16.45 -4.81
N TRP B 288 -20.23 -16.02 -5.62
CA TRP B 288 -21.17 -16.97 -6.23
C TRP B 288 -20.87 -17.30 -7.72
N GLY B 289 -20.84 -18.59 -8.07
CA GLY B 289 -20.55 -19.01 -9.45
C GLY B 289 -21.80 -19.55 -10.12
N PRO B 290 -21.86 -19.46 -11.44
CA PRO B 290 -23.07 -19.84 -12.20
C PRO B 290 -23.25 -21.34 -12.48
N SER B 291 -22.21 -22.15 -12.24
CA SER B 291 -22.26 -23.61 -12.35
C SER B 291 -21.10 -24.25 -11.59
N PRO B 292 -21.11 -25.56 -11.37
CA PRO B 292 -20.03 -26.24 -10.65
C PRO B 292 -18.61 -25.85 -11.03
N LYS B 293 -18.35 -25.54 -12.30
CA LYS B 293 -17.04 -25.10 -12.72
C LYS B 293 -17.07 -23.69 -13.28
N SER B 294 -18.19 -23.01 -13.09
CA SER B 294 -18.35 -21.62 -13.52
C SER B 294 -18.05 -21.44 -15.02
N ASN B 295 -18.45 -22.41 -15.84
CA ASN B 295 -18.21 -22.27 -17.27
C ASN B 295 -19.50 -22.30 -18.08
N GLN B 296 -20.60 -21.94 -17.46
CA GLN B 296 -21.88 -21.93 -18.15
C GLN B 296 -22.57 -20.58 -18.01
N PRO B 297 -23.68 -20.39 -18.71
CA PRO B 297 -24.46 -19.15 -18.60
C PRO B 297 -25.07 -18.92 -17.23
N GLY B 298 -25.28 -17.63 -16.91
CA GLY B 298 -25.86 -17.19 -15.64
C GLY B 298 -27.37 -16.91 -15.68
N SER B 299 -27.82 -16.14 -14.70
CA SER B 299 -29.26 -15.94 -14.48
C SER B 299 -29.66 -14.65 -13.74
N GLN B 300 -30.97 -14.41 -13.66
CA GLN B 300 -31.56 -13.34 -12.89
C GLN B 300 -31.58 -13.75 -11.41
N SER B 301 -31.60 -12.77 -10.49
CA SER B 301 -31.49 -12.99 -9.04
C SER B 301 -32.27 -12.02 -8.15
N SER B 302 -32.89 -12.53 -7.09
CA SER B 302 -33.56 -11.68 -6.09
C SER B 302 -32.54 -11.20 -5.07
N PHE B 303 -32.49 -9.91 -4.73
CA PHE B 303 -31.43 -9.42 -3.84
C PHE B 303 -32.05 -8.28 -3.06
N THR B 304 -32.29 -8.48 -1.76
CA THR B 304 -32.99 -7.49 -0.94
C THR B 304 -32.41 -7.30 0.45
N ALA B 305 -32.77 -6.18 1.06
CA ALA B 305 -32.38 -5.92 2.43
C ALA B 305 -33.61 -5.83 3.35
N VAL B 306 -33.61 -6.63 4.42
CA VAL B 306 -34.73 -6.65 5.41
C VAL B 306 -34.27 -6.69 6.88
N THR B 307 -35.24 -6.63 7.77
CA THR B 307 -35.01 -6.60 9.20
C THR B 307 -35.76 -7.73 9.87
N ILE B 308 -35.02 -8.67 10.44
CA ILE B 308 -35.59 -9.84 11.07
C ILE B 308 -35.19 -9.91 12.56
N GLU B 309 -36.14 -9.58 13.43
CA GLU B 309 -35.95 -9.51 14.89
C GLU B 309 -34.84 -8.60 15.37
N GLY B 310 -34.88 -7.36 14.90
CA GLY B 310 -33.95 -6.34 15.32
C GLY B 310 -32.68 -6.26 14.49
N MET B 311 -32.35 -7.33 13.77
CA MET B 311 -31.13 -7.32 12.96
C MET B 311 -31.33 -7.11 11.44
N ARG B 312 -30.55 -6.19 10.89
CA ARG B 312 -30.56 -5.92 9.46
C ARG B 312 -29.73 -6.95 8.65
N VAL B 313 -30.31 -7.52 7.59
CA VAL B 313 -29.62 -8.50 6.75
C VAL B 313 -29.92 -8.45 5.23
N MET B 314 -29.15 -9.21 4.46
CA MET B 314 -29.41 -9.34 3.03
C MET B 314 -29.89 -10.76 2.71
N LEU B 315 -30.79 -10.90 1.72
CA LEU B 315 -31.21 -12.21 1.18
C LEU B 315 -30.91 -12.33 -0.33
N PHE B 316 -30.35 -13.47 -0.78
CA PHE B 316 -29.96 -13.67 -2.20
C PHE B 316 -30.30 -15.06 -2.80
N THR B 317 -30.80 -15.11 -4.04
CA THR B 317 -31.11 -16.42 -4.69
C THR B 317 -30.44 -16.61 -6.05
N HIS B 318 -29.99 -17.83 -6.32
CA HIS B 318 -29.40 -18.19 -7.59
C HIS B 318 -29.45 -19.70 -7.69
N PRO B 319 -29.61 -20.19 -8.91
CA PRO B 319 -29.59 -21.64 -9.19
C PRO B 319 -28.17 -22.18 -9.34
N LEU B 320 -27.98 -23.48 -9.08
CA LEU B 320 -26.66 -24.12 -9.20
C LEU B 320 -26.27 -24.60 -10.62
N ASN B 321 -27.26 -24.95 -11.43
CA ASN B 321 -27.05 -25.40 -12.82
C ASN B 321 -26.12 -26.61 -12.97
N PHE B 322 -26.42 -27.74 -12.31
CA PHE B 322 -25.61 -28.96 -12.52
C PHE B 322 -25.66 -29.44 -14.00
N LYS B 323 -26.78 -29.27 -14.70
CA LYS B 323 -26.87 -29.73 -16.08
C LYS B 323 -26.19 -28.90 -17.19
N GLY B 324 -25.98 -27.60 -16.97
CA GLY B 324 -25.35 -26.78 -18.01
C GLY B 324 -26.25 -26.10 -19.05
N ARG B 325 -25.66 -25.28 -19.92
CA ARG B 325 -26.39 -24.50 -20.92
C ARG B 325 -27.41 -23.59 -20.21
N TRP B 326 -28.61 -23.39 -20.75
CA TRP B 326 -29.59 -22.58 -20.01
C TRP B 326 -30.56 -23.34 -19.12
N LEU B 327 -30.34 -24.63 -18.88
CA LEU B 327 -31.32 -25.39 -18.09
C LEU B 327 -31.51 -24.89 -16.66
N ARG B 328 -30.39 -24.56 -16.00
CA ARG B 328 -30.41 -23.90 -14.68
C ARG B 328 -31.29 -24.52 -13.59
N ASP B 329 -30.99 -25.76 -13.27
CA ASP B 329 -31.69 -26.46 -12.20
C ASP B 329 -31.20 -26.07 -10.81
N ARG B 330 -31.89 -26.59 -9.80
CA ARG B 330 -31.57 -26.44 -8.37
C ARG B 330 -31.43 -25.01 -7.83
N LEU B 331 -32.56 -24.35 -7.54
CA LEU B 331 -32.61 -22.99 -6.93
C LEU B 331 -32.29 -22.89 -5.42
N ASN B 332 -31.28 -22.10 -5.06
CA ASN B 332 -30.75 -21.99 -3.69
C ASN B 332 -30.87 -20.60 -3.02
N LEU B 333 -31.04 -20.56 -1.70
CA LEU B 333 -31.15 -19.30 -0.93
C LEU B 333 -29.99 -19.06 0.05
N TRP B 334 -29.48 -17.84 0.10
CA TRP B 334 -28.39 -17.47 1.03
C TRP B 334 -28.74 -16.29 1.95
N LEU B 335 -28.10 -16.20 3.11
CA LEU B 335 -28.28 -15.10 4.07
C LEU B 335 -26.94 -14.50 4.50
N THR B 336 -26.85 -13.16 4.63
CA THR B 336 -25.59 -12.54 5.01
C THR B 336 -25.70 -11.18 5.67
N ASP B 337 -24.73 -10.84 6.53
CA ASP B 337 -24.67 -9.52 7.13
C ASP B 337 -23.49 -8.70 6.61
N ASN B 338 -23.04 -9.01 5.39
CA ASN B 338 -21.85 -8.36 4.82
C ASN B 338 -20.51 -8.79 5.44
N GLN B 339 -20.55 -9.81 6.31
CA GLN B 339 -19.36 -10.38 6.93
C GLN B 339 -19.41 -11.91 6.78
N ARG B 340 -20.31 -12.55 7.50
CA ARG B 340 -20.53 -13.99 7.36
C ARG B 340 -21.56 -14.28 6.25
N ILE B 341 -21.48 -15.46 5.63
CA ILE B 341 -22.40 -15.85 4.56
C ILE B 341 -22.86 -17.31 4.71
N TYR B 342 -24.18 -17.52 4.89
CA TYR B 342 -24.70 -18.87 5.19
C TYR B 342 -25.61 -19.48 4.14
N ASN B 343 -25.36 -20.73 3.72
CA ASN B 343 -26.24 -21.44 2.77
C ASN B 343 -27.51 -22.01 3.42
N VAL B 344 -28.62 -21.26 3.32
CA VAL B 344 -29.91 -21.69 3.88
C VAL B 344 -30.43 -23.03 3.31
N GLY B 345 -30.55 -23.15 1.98
CA GLY B 345 -30.94 -24.40 1.35
C GLY B 345 -31.51 -24.39 -0.07
N GLN B 346 -32.00 -25.54 -0.54
CA GLN B 346 -32.62 -25.61 -1.87
C GLN B 346 -34.12 -25.27 -1.74
N VAL B 347 -34.54 -24.20 -2.41
CA VAL B 347 -35.94 -23.83 -2.37
C VAL B 347 -36.71 -24.69 -3.37
N SER B 348 -36.12 -24.91 -4.54
CA SER B 348 -36.77 -25.74 -5.54
C SER B 348 -36.82 -27.20 -5.08
N ILE B 349 -37.39 -28.07 -5.92
CA ILE B 349 -37.52 -29.52 -5.65
C ILE B 349 -36.79 -30.42 -6.69
N GLY B 350 -36.01 -31.38 -6.20
CA GLY B 350 -35.33 -32.36 -7.05
C GLY B 350 -34.40 -31.82 -8.12
N ASP B 351 -34.42 -32.44 -9.30
CA ASP B 351 -33.58 -31.95 -10.41
C ASP B 351 -34.37 -31.11 -11.41
N GLU B 352 -35.47 -30.51 -10.92
CA GLU B 352 -36.35 -29.70 -11.78
C GLU B 352 -35.70 -28.39 -12.18
N ASN B 353 -35.86 -28.01 -13.44
CA ASN B 353 -35.33 -26.74 -13.94
C ASN B 353 -36.07 -25.53 -13.36
N SER B 354 -35.35 -24.73 -12.59
CA SER B 354 -35.92 -23.57 -11.90
C SER B 354 -34.92 -22.39 -11.85
N ALA B 355 -35.06 -21.46 -12.80
CA ALA B 355 -34.13 -20.33 -12.99
C ALA B 355 -34.42 -19.02 -12.23
N TYR B 356 -35.41 -18.26 -12.68
CA TYR B 356 -35.70 -16.94 -12.13
C TYR B 356 -36.61 -17.02 -10.88
N SER B 357 -36.49 -16.04 -9.96
CA SER B 357 -37.23 -16.04 -8.69
C SER B 357 -37.45 -14.65 -8.00
N SER B 358 -38.37 -14.57 -7.04
CA SER B 358 -38.60 -13.35 -6.28
C SER B 358 -38.94 -13.65 -4.81
N VAL B 359 -38.24 -12.98 -3.88
CA VAL B 359 -38.44 -13.19 -2.45
C VAL B 359 -39.03 -11.96 -1.75
N LEU B 360 -40.05 -12.20 -0.92
CA LEU B 360 -40.72 -11.12 -0.15
C LEU B 360 -40.90 -11.47 1.31
N TYR B 361 -40.56 -10.50 2.18
CA TYR B 361 -40.75 -10.63 3.61
C TYR B 361 -41.86 -9.65 4.01
N LYS B 362 -42.99 -10.17 4.53
CA LYS B 362 -44.17 -9.33 4.84
C LYS B 362 -44.89 -9.72 6.12
N ASP B 363 -44.92 -8.81 7.09
CA ASP B 363 -45.55 -9.10 8.39
C ASP B 363 -44.97 -10.36 9.01
N ASP B 364 -43.65 -10.45 9.03
CA ASP B 364 -42.99 -11.56 9.66
C ASP B 364 -43.23 -12.91 9.02
N LYS B 365 -43.45 -12.92 7.71
CA LYS B 365 -43.57 -14.17 6.98
C LYS B 365 -42.81 -14.09 5.67
N LEU B 366 -42.36 -15.24 5.18
CA LEU B 366 -41.53 -15.31 4.00
C LEU B 366 -42.16 -16.14 2.88
N TYR B 367 -41.98 -15.68 1.64
CA TYR B 367 -42.58 -16.30 0.45
C TYR B 367 -41.62 -16.23 -0.74
N CYS B 368 -41.90 -17.02 -1.78
CA CYS B 368 -41.11 -16.96 -2.98
C CYS B 368 -41.91 -17.33 -4.24
N LEU B 369 -41.78 -16.54 -5.29
CA LEU B 369 -42.43 -16.87 -6.57
C LEU B 369 -41.29 -17.19 -7.53
N HIS B 370 -41.32 -18.36 -8.17
CA HIS B 370 -40.24 -18.77 -9.07
C HIS B 370 -40.64 -19.70 -10.23
N GLU B 371 -39.80 -19.72 -11.25
CA GLU B 371 -40.02 -20.55 -12.44
C GLU B 371 -39.85 -22.05 -12.17
N ILE B 372 -40.49 -22.88 -13.01
CA ILE B 372 -40.22 -24.32 -13.12
C ILE B 372 -40.31 -24.59 -14.63
N ASN B 373 -39.41 -25.41 -15.19
CA ASN B 373 -39.32 -25.57 -16.65
C ASN B 373 -39.25 -27.02 -17.08
N SER B 374 -40.04 -27.37 -18.10
CA SER B 374 -40.02 -28.70 -18.72
C SER B 374 -40.22 -28.59 -20.23
N ASN B 375 -39.46 -29.36 -20.99
CA ASN B 375 -39.61 -29.32 -22.44
C ASN B 375 -39.82 -27.87 -22.95
N GLU B 376 -39.17 -26.91 -22.29
CA GLU B 376 -39.26 -25.51 -22.65
C GLU B 376 -40.69 -24.93 -22.56
N VAL B 377 -41.44 -25.40 -21.59
CA VAL B 377 -42.76 -24.84 -21.26
C VAL B 377 -42.64 -24.39 -19.78
N TYR B 378 -43.08 -23.17 -19.46
CA TYR B 378 -42.84 -22.56 -18.13
C TYR B 378 -44.06 -22.12 -17.29
N SER B 379 -44.00 -22.42 -15.98
CA SER B 379 -45.00 -21.96 -15.00
C SER B 379 -44.33 -21.17 -13.84
N LEU B 380 -45.14 -20.49 -13.01
CA LEU B 380 -44.62 -19.83 -11.81
C LEU B 380 -45.36 -20.41 -10.64
N VAL B 381 -44.62 -20.82 -9.61
CA VAL B 381 -45.18 -21.35 -8.39
C VAL B 381 -45.06 -20.37 -7.21
N PHE B 382 -46.00 -20.46 -6.28
CA PHE B 382 -46.05 -19.58 -5.12
C PHE B 382 -45.84 -20.42 -3.89
N ALA B 383 -44.80 -20.09 -3.13
CA ALA B 383 -44.38 -20.92 -2.01
C ALA B 383 -44.34 -20.22 -0.70
N ARG B 384 -44.68 -20.97 0.34
CA ARG B 384 -44.65 -20.48 1.69
C ARG B 384 -43.43 -21.11 2.33
N LEU B 385 -42.37 -20.32 2.51
CA LEU B 385 -41.12 -20.82 3.07
C LEU B 385 -41.18 -20.90 4.60
N VAL B 386 -42.04 -21.78 5.10
CA VAL B 386 -42.21 -21.98 6.54
C VAL B 386 -40.91 -22.47 7.14
N GLY B 387 -40.28 -23.42 6.47
CA GLY B 387 -39.05 -24.01 6.96
C GLY B 387 -37.83 -23.11 6.95
N GLU B 388 -37.70 -22.31 5.88
CA GLU B 388 -36.57 -21.40 5.74
C GLU B 388 -36.48 -20.31 6.82
N LEU B 389 -37.62 -19.74 7.18
CA LEU B 389 -37.59 -18.68 8.19
C LEU B 389 -37.10 -19.17 9.55
N ARG B 390 -37.35 -20.43 9.86
CA ARG B 390 -36.97 -20.97 11.16
C ARG B 390 -35.43 -21.10 11.31
N ILE B 391 -34.84 -21.78 10.32
CA ILE B 391 -33.39 -21.93 10.26
C ILE B 391 -32.74 -20.54 10.28
N ILE B 392 -33.32 -19.60 9.52
CA ILE B 392 -32.79 -18.23 9.51
C ILE B 392 -32.77 -17.66 10.92
N LYS B 393 -33.86 -17.86 11.64
CA LYS B 393 -34.01 -17.27 12.97
C LYS B 393 -32.99 -17.79 13.99
N SER B 394 -32.68 -19.07 13.89
CA SER B 394 -31.75 -19.72 14.80
C SER B 394 -30.31 -19.22 14.56
N VAL B 395 -29.91 -19.15 13.28
CA VAL B 395 -28.56 -18.68 12.94
C VAL B 395 -28.34 -17.24 13.38
N LEU B 396 -29.35 -16.40 13.19
CA LEU B 396 -29.23 -15.00 13.55
C LEU B 396 -29.05 -14.85 15.05
N GLN B 397 -29.58 -15.82 15.78
CA GLN B 397 -29.50 -15.84 17.24
C GLN B 397 -28.07 -16.19 17.69
N SER B 398 -27.52 -17.26 17.13
CA SER B 398 -26.12 -17.64 17.41
C SER B 398 -25.18 -16.51 17.01
N TRP B 399 -25.54 -15.71 15.99
CA TRP B 399 -24.66 -14.59 15.62
C TRP B 399 -24.69 -13.54 16.72
N LYS B 400 -25.89 -13.11 17.07
CA LYS B 400 -26.12 -12.12 18.11
C LYS B 400 -25.45 -12.46 19.45
N ASN B 401 -25.53 -13.75 19.83
CA ASN B 401 -25.01 -14.22 21.13
C ASN B 401 -23.50 -14.30 21.27
N TRP B 402 -22.84 -14.83 20.25
CA TRP B 402 -21.40 -14.98 20.32
C TRP B 402 -20.80 -13.59 20.21
N ASP B 403 -21.36 -12.78 19.32
CA ASP B 403 -20.89 -11.41 19.17
C ASP B 403 -21.00 -10.65 20.50
N SER B 404 -22.13 -10.82 21.19
CA SER B 404 -22.33 -10.21 22.51
C SER B 404 -21.45 -10.85 23.59
N HIS B 405 -21.35 -12.18 23.55
CA HIS B 405 -20.51 -12.82 24.54
C HIS B 405 -19.09 -12.28 24.46
N LEU B 406 -18.61 -12.02 23.23
CA LEU B 406 -17.25 -11.51 23.05
C LEU B 406 -17.11 -10.06 23.49
N SER B 407 -18.02 -9.18 23.10
CA SER B 407 -17.97 -7.85 23.70
C SER B 407 -18.48 -8.14 25.12
N SER B 408 -18.44 -7.18 26.03
CA SER B 408 -18.95 -7.50 27.37
C SER B 408 -17.92 -8.25 28.23
N ILE B 409 -16.88 -8.73 27.57
CA ILE B 409 -15.77 -9.30 28.32
C ILE B 409 -15.03 -8.10 28.84
N CYS B 410 -14.76 -8.12 30.14
CA CYS B 410 -13.97 -7.07 30.79
C CYS B 410 -12.50 -7.44 30.57
N THR B 411 -11.80 -6.66 29.76
CA THR B 411 -10.40 -6.95 29.44
C THR B 411 -9.43 -6.33 30.46
N PRO B 412 -8.29 -6.99 30.66
CA PRO B 412 -7.31 -6.52 31.64
C PRO B 412 -6.81 -5.16 31.25
N ALA B 413 -6.69 -4.26 32.21
CA ALA B 413 -6.16 -2.93 31.92
C ALA B 413 -4.68 -2.99 31.58
N GLY B 423 -10.62 -0.15 35.82
CA GLY B 423 -11.81 -0.90 35.45
C GLY B 423 -11.51 -1.92 34.36
N CYS B 424 -12.07 -1.70 33.18
CA CYS B 424 -11.81 -2.62 32.09
C CYS B 424 -11.01 -1.99 30.95
N GLY B 425 -10.28 -2.82 30.21
CA GLY B 425 -9.53 -2.36 29.05
C GLY B 425 -10.45 -2.24 27.84
N PRO B 426 -9.86 -1.99 26.67
CA PRO B 426 -10.62 -1.92 25.41
C PRO B 426 -11.23 -3.29 25.13
N ALA B 427 -12.35 -3.34 24.44
CA ALA B 427 -12.96 -4.64 24.22
C ALA B 427 -12.40 -5.37 23.00
N VAL B 428 -12.61 -6.69 23.03
CA VAL B 428 -12.31 -7.61 21.95
C VAL B 428 -13.12 -7.16 20.76
N THR B 429 -12.51 -7.01 19.60
CA THR B 429 -13.27 -6.52 18.45
C THR B 429 -14.08 -7.59 17.71
N THR B 430 -15.25 -7.19 17.21
CA THR B 430 -16.08 -8.07 16.40
C THR B 430 -16.33 -7.48 15.02
N VAL B 431 -15.75 -6.33 14.71
CA VAL B 431 -15.98 -5.78 13.38
C VAL B 431 -15.13 -6.52 12.33
N GLY B 432 -15.77 -7.32 11.49
CA GLY B 432 -15.03 -8.08 10.49
C GLY B 432 -14.67 -9.51 10.89
N LEU B 433 -15.27 -10.00 11.99
CA LEU B 433 -15.00 -11.35 12.46
C LEU B 433 -15.86 -12.36 11.73
N VAL B 434 -15.24 -13.31 11.07
CA VAL B 434 -15.98 -14.14 10.13
C VAL B 434 -16.19 -15.59 10.56
N GLY B 435 -15.17 -16.14 11.22
CA GLY B 435 -15.21 -17.51 11.72
C GLY B 435 -14.43 -17.69 13.01
N PHE B 436 -14.77 -18.75 13.75
CA PHE B 436 -14.19 -19.01 15.07
C PHE B 436 -14.19 -20.52 15.38
N LEU B 437 -13.02 -21.12 15.64
CA LEU B 437 -12.91 -22.55 16.00
C LEU B 437 -12.42 -22.77 17.45
N SER B 438 -13.24 -23.43 18.28
CA SER B 438 -12.95 -23.58 19.70
C SER B 438 -13.32 -24.96 20.32
N HIS B 439 -14.20 -24.97 21.31
CA HIS B 439 -14.48 -26.22 22.04
C HIS B 439 -15.29 -27.25 21.28
N SER B 440 -16.33 -26.84 20.58
CA SER B 440 -17.17 -27.83 19.93
C SER B 440 -16.47 -28.60 18.82
N ALA B 441 -16.67 -29.92 18.76
CA ALA B 441 -16.05 -30.76 17.73
C ALA B 441 -16.54 -32.21 17.65
N THR B 442 -16.46 -32.79 16.46
CA THR B 442 -16.80 -34.21 16.22
C THR B 442 -15.58 -35.04 15.84
N LYS B 443 -15.84 -36.30 15.50
CA LYS B 443 -14.75 -37.22 15.17
C LYS B 443 -13.97 -36.82 13.91
N THR B 444 -14.65 -36.24 12.91
CA THR B 444 -13.90 -35.82 11.72
C THR B 444 -13.96 -34.33 11.39
N GLU B 445 -14.47 -33.50 12.32
CA GLU B 445 -14.65 -32.06 12.07
C GLU B 445 -14.51 -31.10 13.27
N TRP B 446 -13.92 -29.93 13.04
CA TRP B 446 -13.82 -28.84 14.05
C TRP B 446 -14.90 -27.76 13.73
N GLU B 447 -15.88 -27.56 14.61
CA GLU B 447 -17.04 -26.68 14.27
C GLU B 447 -16.91 -25.15 14.38
N ASP B 448 -17.32 -24.43 13.32
CA ASP B 448 -17.33 -22.98 13.31
C ASP B 448 -18.46 -22.45 14.20
N ALA B 449 -18.15 -21.61 15.16
CA ALA B 449 -19.20 -21.11 16.04
C ALA B 449 -20.23 -20.30 15.26
N TYR B 450 -19.84 -19.75 14.12
CA TYR B 450 -20.78 -18.93 13.35
C TYR B 450 -21.53 -19.76 12.34
N ARG B 451 -21.23 -21.05 12.35
CA ARG B 451 -22.01 -22.04 11.60
C ARG B 451 -22.04 -21.94 10.08
N CYS B 452 -21.01 -21.35 9.49
CA CYS B 452 -20.94 -21.27 8.03
C CYS B 452 -19.94 -22.26 7.39
N VAL B 453 -18.73 -22.37 7.95
CA VAL B 453 -17.70 -23.24 7.38
C VAL B 453 -16.83 -23.97 8.42
N ASN B 454 -16.98 -25.29 8.50
CA ASN B 454 -16.14 -26.10 9.41
C ASN B 454 -14.75 -26.46 8.81
N ALA B 455 -13.87 -26.99 9.65
CA ALA B 455 -12.58 -27.52 9.21
C ALA B 455 -12.61 -29.06 9.28
N SER B 456 -11.93 -29.74 8.37
CA SER B 456 -11.87 -31.21 8.46
C SER B 456 -10.56 -31.67 9.13
N THR B 457 -10.59 -32.72 9.96
CA THR B 457 -9.38 -33.12 10.71
C THR B 457 -8.91 -34.59 10.63
N ALA B 458 -7.71 -34.85 11.19
CA ALA B 458 -7.14 -36.22 11.31
C ALA B 458 -6.09 -36.44 12.44
N ASN B 459 -6.14 -37.61 13.10
CA ASN B 459 -5.30 -37.95 14.27
C ASN B 459 -5.36 -36.90 15.39
N ALA B 460 -6.58 -36.57 15.80
CA ALA B 460 -6.86 -35.48 16.72
C ALA B 460 -7.61 -35.85 17.99
N GLU B 461 -7.14 -35.32 19.11
CA GLU B 461 -7.71 -35.58 20.42
C GLU B 461 -8.30 -34.29 21.03
N ARG B 462 -9.56 -34.39 21.42
CA ARG B 462 -10.32 -33.29 22.00
C ARG B 462 -9.82 -32.82 23.36
N VAL B 463 -9.53 -31.53 23.50
CA VAL B 463 -9.06 -30.96 24.75
C VAL B 463 -9.80 -29.65 24.98
N PRO B 464 -9.63 -29.00 26.12
CA PRO B 464 -10.37 -27.76 26.40
C PRO B 464 -10.13 -26.67 25.37
N ASN B 465 -11.17 -26.29 24.63
CA ASN B 465 -11.06 -25.20 23.64
C ASN B 465 -10.17 -25.47 22.40
N GLY B 466 -10.08 -26.73 21.98
CA GLY B 466 -9.22 -27.03 20.86
C GLY B 466 -8.93 -28.50 20.58
N LEU B 467 -7.88 -28.74 19.82
CA LEU B 467 -7.48 -30.10 19.47
C LEU B 467 -5.98 -30.34 19.68
N LYS B 468 -5.62 -31.60 19.88
CA LYS B 468 -4.23 -32.01 20.01
C LYS B 468 -3.90 -32.98 18.89
N PHE B 469 -2.83 -32.71 18.16
CA PHE B 469 -2.49 -33.49 16.96
C PHE B 469 -1.19 -34.32 17.05
N ALA B 470 -1.16 -35.41 16.26
CA ALA B 470 0.00 -36.32 16.19
C ALA B 470 0.07 -37.18 14.92
N GLY B 471 1.28 -37.49 14.47
CA GLY B 471 1.49 -38.39 13.35
C GLY B 471 1.48 -37.86 11.91
N VAL B 472 1.92 -38.70 10.99
CA VAL B 472 1.93 -38.41 9.55
C VAL B 472 0.49 -38.39 9.04
N GLY B 473 0.10 -37.30 8.38
CA GLY B 473 -1.27 -37.18 7.87
C GLY B 473 -2.26 -36.42 8.76
N GLY B 474 -1.77 -35.93 9.92
CA GLY B 474 -2.61 -35.25 10.90
C GLY B 474 -2.67 -33.74 10.76
N GLY B 475 -3.55 -33.10 11.55
CA GLY B 475 -3.75 -31.65 11.52
C GLY B 475 -5.15 -31.31 11.01
N ALA B 476 -5.45 -30.01 10.84
CA ALA B 476 -6.76 -29.57 10.27
C ALA B 476 -6.66 -28.73 8.98
N LEU B 477 -7.71 -28.78 8.14
CA LEU B 477 -7.78 -28.02 6.89
C LEU B 477 -9.04 -27.12 6.86
N TRP B 478 -8.88 -25.82 6.64
CA TRP B 478 -10.02 -24.87 6.58
C TRP B 478 -10.15 -24.39 5.13
N PRO B 479 -11.19 -24.81 4.43
CA PRO B 479 -11.20 -24.63 2.96
C PRO B 479 -11.40 -23.21 2.47
N VAL B 480 -10.70 -22.83 1.42
CA VAL B 480 -10.88 -21.52 0.79
C VAL B 480 -11.33 -21.76 -0.66
N SER B 481 -10.45 -21.90 -1.64
CA SER B 481 -11.00 -22.21 -2.96
C SER B 481 -11.52 -23.66 -2.96
N GLN B 482 -11.11 -24.42 -1.95
CA GLN B 482 -11.55 -25.80 -1.83
C GLN B 482 -13.03 -25.89 -1.44
N GLN B 483 -13.68 -24.75 -1.20
CA GLN B 483 -15.11 -24.76 -0.91
C GLN B 483 -15.94 -25.11 -2.16
N GLY B 484 -15.40 -24.88 -3.36
CA GLY B 484 -16.08 -25.27 -4.58
C GLY B 484 -16.71 -24.21 -5.46
N GLN B 485 -18.00 -24.39 -5.76
CA GLN B 485 -18.72 -23.44 -6.60
C GLN B 485 -18.94 -22.12 -5.89
N ASN B 486 -19.18 -22.18 -4.59
CA ASN B 486 -19.46 -20.98 -3.87
C ASN B 486 -18.41 -20.75 -2.78
N GLN B 487 -17.56 -19.76 -3.02
CA GLN B 487 -16.38 -19.50 -2.19
C GLN B 487 -16.56 -18.31 -1.23
N ARG B 488 -16.96 -18.59 0.03
CA ARG B 488 -17.28 -17.52 0.96
C ARG B 488 -16.10 -16.76 1.54
N TYR B 489 -14.89 -17.28 1.36
CA TYR B 489 -13.73 -16.63 1.92
C TYR B 489 -12.87 -16.00 0.81
N HIS B 490 -13.47 -15.71 -0.34
CA HIS B 490 -12.67 -15.17 -1.42
C HIS B 490 -11.93 -13.90 -0.99
N PHE B 491 -12.48 -13.14 -0.03
CA PHE B 491 -11.83 -11.90 0.40
C PHE B 491 -10.37 -12.05 0.87
N ALA B 492 -10.00 -13.26 1.28
CA ALA B 492 -8.65 -13.52 1.81
C ALA B 492 -7.54 -13.29 0.79
N ASN B 493 -7.90 -13.34 -0.49
CA ASN B 493 -6.95 -13.14 -1.55
C ASN B 493 -6.57 -11.67 -1.62
N HIS B 494 -7.30 -10.82 -0.88
CA HIS B 494 -7.07 -9.37 -0.85
C HIS B 494 -6.58 -8.84 0.53
N ALA B 495 -7.04 -9.45 1.65
CA ALA B 495 -6.63 -9.07 3.00
C ALA B 495 -7.24 -9.95 4.14
N PHE B 496 -6.47 -10.23 5.21
CA PHE B 496 -6.99 -11.04 6.30
C PHE B 496 -6.10 -11.12 7.54
N THR B 497 -6.70 -11.56 8.66
CA THR B 497 -5.99 -11.88 9.89
C THR B 497 -6.34 -13.28 10.46
N LEU B 498 -5.32 -14.12 10.70
CA LEU B 498 -5.48 -15.46 11.31
C LEU B 498 -4.84 -15.51 12.72
N VAL B 499 -5.57 -16.06 13.68
CA VAL B 499 -5.14 -16.00 15.09
C VAL B 499 -5.27 -17.34 15.88
N ALA B 500 -4.26 -17.66 16.68
CA ALA B 500 -4.25 -18.92 17.43
C ALA B 500 -3.33 -18.99 18.68
N SER B 501 -3.68 -19.88 19.61
CA SER B 501 -2.89 -20.16 20.81
C SER B 501 -2.32 -21.58 20.69
N VAL B 502 -1.02 -21.73 20.92
CA VAL B 502 -0.29 -22.98 20.62
C VAL B 502 0.78 -23.43 21.65
N THR B 503 1.02 -24.75 21.68
CA THR B 503 2.01 -25.43 22.56
C THR B 503 2.65 -26.61 21.80
N ILE B 504 3.99 -26.67 21.74
CA ILE B 504 4.68 -27.79 21.09
C ILE B 504 5.11 -28.87 22.13
N HIS B 505 4.82 -30.13 21.82
CA HIS B 505 5.10 -31.22 22.76
C HIS B 505 6.37 -32.03 22.49
N GLU B 506 6.91 -31.96 21.28
CA GLU B 506 8.07 -32.80 20.99
C GLU B 506 9.02 -32.14 20.01
N VAL B 507 10.33 -32.35 20.20
CA VAL B 507 11.32 -31.75 19.30
C VAL B 507 11.39 -32.59 18.02
N PRO B 508 11.32 -31.92 16.89
CA PRO B 508 11.22 -32.59 15.60
C PRO B 508 12.53 -32.93 14.91
N LYS B 509 12.48 -33.98 14.10
CA LYS B 509 13.65 -34.40 13.33
C LYS B 509 14.03 -33.36 12.27
N GLY B 510 13.08 -32.55 11.84
CA GLY B 510 13.30 -31.49 10.86
C GLY B 510 12.10 -30.55 10.63
N ALA B 511 12.35 -29.32 10.16
CA ALA B 511 11.32 -28.29 9.93
C ALA B 511 9.84 -28.74 9.91
N SER B 512 9.04 -28.23 10.84
CA SER B 512 7.62 -28.61 10.94
C SER B 512 6.62 -27.43 10.97
N PRO B 513 5.43 -27.66 10.43
CA PRO B 513 4.37 -26.63 10.32
C PRO B 513 3.49 -26.42 11.55
N LEU B 514 3.09 -25.17 11.78
CA LEU B 514 2.22 -24.80 12.88
C LEU B 514 0.90 -24.19 12.36
N LEU B 515 1.02 -23.24 11.45
CA LEU B 515 -0.15 -22.51 10.99
C LEU B 515 0.13 -21.78 9.65
N GLY B 516 -0.85 -21.69 8.76
CA GLY B 516 -0.59 -20.97 7.54
C GLY B 516 -1.62 -20.96 6.42
N ALA B 517 -1.29 -20.24 5.35
CA ALA B 517 -2.14 -20.11 4.17
C ALA B 517 -1.42 -20.67 2.96
N SER B 518 -2.03 -21.69 2.34
CA SER B 518 -1.43 -22.42 1.24
C SER B 518 -2.05 -22.15 -0.13
N LEU B 519 -1.22 -22.11 -1.17
CA LEU B 519 -1.67 -21.81 -2.53
C LEU B 519 -2.00 -23.04 -3.35
N ASP B 520 -1.40 -24.17 -3.02
CA ASP B 520 -1.75 -25.41 -3.70
C ASP B 520 -2.45 -26.37 -2.72
N SER B 521 -2.76 -27.57 -3.17
CA SER B 521 -3.49 -28.48 -2.28
C SER B 521 -2.61 -29.22 -1.29
N SER B 522 -1.32 -29.26 -1.54
CA SER B 522 -0.44 -30.03 -0.67
C SER B 522 0.00 -29.27 0.56
N GLY B 523 0.13 -27.96 0.41
CA GLY B 523 0.65 -27.12 1.49
C GLY B 523 2.13 -26.83 1.27
N GLY B 524 2.68 -27.41 0.20
CA GLY B 524 4.09 -27.23 -0.11
C GLY B 524 4.41 -25.89 -0.74
N LYS B 525 3.42 -25.30 -1.38
CA LYS B 525 3.59 -24.00 -1.97
C LYS B 525 2.79 -22.99 -1.18
N LYS B 526 3.47 -22.25 -0.30
CA LYS B 526 2.84 -21.32 0.63
C LYS B 526 2.71 -19.85 0.23
N LEU B 527 1.63 -19.20 0.66
CA LEU B 527 1.52 -17.72 0.60
C LEU B 527 2.08 -17.04 1.87
N LEU B 528 1.66 -17.48 3.06
CA LEU B 528 2.24 -16.96 4.34
C LEU B 528 2.08 -17.99 5.46
N GLY B 529 3.19 -18.36 6.09
CA GLY B 529 3.11 -19.35 7.15
C GLY B 529 4.10 -19.29 8.30
N LEU B 530 3.98 -20.22 9.24
CA LEU B 530 4.95 -20.30 10.32
C LEU B 530 5.33 -21.78 10.61
N SER B 531 6.61 -22.07 10.69
CA SER B 531 7.03 -23.42 11.03
C SER B 531 7.95 -23.39 12.22
N TYR B 532 8.30 -24.57 12.71
CA TYR B 532 9.27 -24.70 13.81
C TYR B 532 10.26 -25.85 13.49
N ASP B 533 11.51 -25.75 13.97
CA ASP B 533 12.56 -26.74 13.67
C ASP B 533 13.32 -27.42 14.86
N LYS B 534 14.34 -28.22 14.57
CA LYS B 534 15.02 -29.00 15.61
C LYS B 534 16.13 -28.32 16.45
N ARG B 535 16.38 -27.03 16.24
CA ARG B 535 17.36 -26.30 17.06
C ARG B 535 16.65 -25.20 17.86
N HIS B 536 15.39 -25.45 18.17
CA HIS B 536 14.54 -24.55 18.95
C HIS B 536 14.33 -23.13 18.36
N GLN B 537 14.26 -23.02 17.03
CA GLN B 537 13.99 -21.75 16.35
C GLN B 537 12.65 -21.72 15.53
N TRP B 538 12.14 -20.51 15.27
CA TRP B 538 10.90 -20.33 14.48
C TRP B 538 11.24 -20.15 13.01
N GLN B 539 10.40 -20.66 12.10
CA GLN B 539 10.64 -20.48 10.66
C GLN B 539 9.47 -19.80 9.93
N PRO B 540 9.57 -18.47 9.77
CA PRO B 540 8.57 -17.65 9.08
C PRO B 540 8.76 -17.71 7.55
N ILE B 541 7.70 -17.89 6.77
CA ILE B 541 7.84 -18.12 5.35
C ILE B 541 7.01 -17.16 4.53
N TYR B 542 7.67 -16.35 3.71
CA TYR B 542 6.99 -15.39 2.89
C TYR B 542 6.99 -15.79 1.39
N GLY B 543 5.82 -16.11 0.89
CA GLY B 543 5.71 -16.59 -0.46
C GLY B 543 6.77 -17.63 -0.75
N SER B 544 7.52 -17.37 -1.81
CA SER B 544 8.52 -18.29 -2.29
C SER B 544 9.95 -17.83 -1.93
N THR B 545 10.07 -16.64 -1.35
CA THR B 545 11.34 -16.11 -0.86
C THR B 545 12.02 -17.11 0.07
N PRO B 546 13.33 -17.28 -0.05
CA PRO B 546 14.10 -18.24 0.78
C PRO B 546 14.05 -17.97 2.26
N VAL B 547 14.06 -19.03 3.06
CA VAL B 547 13.82 -18.96 4.51
C VAL B 547 14.98 -18.69 5.48
N THR B 548 14.77 -17.72 6.36
CA THR B 548 15.72 -17.39 7.44
C THR B 548 15.13 -17.72 8.83
N PRO B 549 15.67 -18.71 9.54
CA PRO B 549 15.19 -19.02 10.90
C PRO B 549 15.55 -17.88 11.83
N THR B 550 14.75 -17.64 12.88
CA THR B 550 14.96 -16.55 13.81
C THR B 550 14.32 -16.85 15.16
N GLY B 551 14.71 -16.11 16.20
CA GLY B 551 14.15 -16.26 17.54
C GLY B 551 14.37 -17.56 18.32
N SER B 552 13.54 -17.75 19.35
CA SER B 552 13.69 -18.86 20.29
C SER B 552 12.38 -19.31 20.99
N TRP B 553 12.26 -20.61 21.30
CA TRP B 553 11.09 -21.16 22.02
C TRP B 553 11.39 -22.38 22.88
N GLU B 554 10.51 -22.68 23.84
CA GLU B 554 10.69 -23.81 24.76
C GLU B 554 9.59 -24.85 24.69
N MET B 555 9.96 -26.11 24.81
CA MET B 555 8.98 -27.18 24.82
C MET B 555 7.99 -27.09 25.99
N GLY B 556 6.70 -27.24 25.70
CA GLY B 556 5.69 -27.26 26.75
C GLY B 556 5.17 -25.90 27.18
N LYS B 557 5.69 -24.84 26.58
CA LYS B 557 5.22 -23.50 26.85
C LYS B 557 4.22 -23.02 25.75
N ARG B 558 3.11 -22.43 26.19
CA ARG B 558 2.05 -21.86 25.35
C ARG B 558 2.43 -20.51 24.64
N TYR B 559 2.07 -20.35 23.37
CA TYR B 559 2.37 -19.10 22.65
C TYR B 559 1.18 -18.51 21.92
N HIS B 560 1.21 -17.20 21.74
CA HIS B 560 0.19 -16.49 20.99
C HIS B 560 0.67 -16.11 19.55
N VAL B 561 -0.12 -16.55 18.58
CA VAL B 561 0.25 -16.38 17.17
C VAL B 561 -0.73 -15.56 16.31
N VAL B 562 -0.19 -14.56 15.64
CA VAL B 562 -0.96 -13.73 14.73
C VAL B 562 -0.30 -13.62 13.36
N LEU B 563 -1.10 -13.78 12.29
CA LEU B 563 -0.67 -13.62 10.90
C LEU B 563 -1.57 -12.62 10.15
N THR B 564 -0.95 -11.63 9.52
CA THR B 564 -1.72 -10.69 8.68
C THR B 564 -1.17 -10.54 7.27
N MET B 565 -2.08 -10.27 6.34
CA MET B 565 -1.80 -9.97 4.93
C MET B 565 -2.71 -8.86 4.38
N ALA B 566 -2.09 -7.79 3.85
CA ALA B 566 -2.80 -6.69 3.17
C ALA B 566 -1.82 -5.82 2.35
N ASN B 567 -2.28 -5.36 1.19
CA ASN B 567 -1.45 -4.55 0.31
C ASN B 567 -0.25 -5.36 -0.20
N LYS B 568 -0.47 -6.66 -0.36
CA LYS B 568 0.55 -7.56 -0.89
C LYS B 568 1.71 -7.83 0.06
N ILE B 569 1.50 -7.48 1.33
CA ILE B 569 2.49 -7.60 2.37
C ILE B 569 2.07 -8.50 3.54
N GLY B 570 2.99 -9.32 4.03
CA GLY B 570 2.74 -10.21 5.16
C GLY B 570 3.57 -9.96 6.42
N SER B 571 2.98 -10.19 7.60
CA SER B 571 3.65 -9.98 8.88
C SER B 571 3.43 -11.12 9.88
N VAL B 572 4.38 -11.32 10.79
CA VAL B 572 4.27 -12.39 11.79
C VAL B 572 4.52 -11.87 13.20
N TYR B 573 3.70 -12.31 14.16
CA TYR B 573 3.86 -11.88 15.55
C TYR B 573 3.81 -13.03 16.52
N ILE B 574 4.69 -12.98 17.51
CA ILE B 574 4.64 -13.93 18.63
C ILE B 574 4.40 -13.12 19.90
N ASP B 575 3.50 -13.60 20.73
CA ASP B 575 3.15 -12.89 21.97
C ASP B 575 2.89 -11.36 21.79
N GLY B 576 2.24 -10.96 20.71
CA GLY B 576 1.93 -9.56 20.48
C GLY B 576 3.07 -8.71 19.94
N GLU B 577 4.20 -9.35 19.64
CA GLU B 577 5.37 -8.65 19.11
C GLU B 577 5.87 -9.26 17.78
N PRO B 578 6.28 -8.39 16.87
CA PRO B 578 6.81 -8.77 15.54
C PRO B 578 8.15 -9.51 15.52
N LEU B 579 8.19 -10.63 14.80
CA LEU B 579 9.45 -11.34 14.59
C LEU B 579 10.46 -10.46 13.82
N GLU B 580 11.75 -10.72 14.02
CA GLU B 580 12.77 -10.01 13.25
C GLU B 580 12.66 -10.33 11.75
N GLY B 581 12.85 -9.32 10.92
CA GLY B 581 12.84 -9.51 9.48
C GLY B 581 11.45 -9.63 8.86
N SER B 582 10.42 -9.56 9.69
CA SER B 582 9.05 -9.67 9.18
C SER B 582 8.59 -8.48 8.32
N GLY B 583 7.37 -8.59 7.77
CA GLY B 583 6.81 -7.58 6.88
C GLY B 583 7.40 -7.62 5.48
N GLN B 584 7.21 -8.73 4.77
CA GLN B 584 7.77 -8.90 3.42
C GLN B 584 6.75 -9.12 2.31
N THR B 585 7.15 -8.87 1.08
CA THR B 585 6.29 -9.00 -0.08
C THR B 585 5.78 -10.44 -0.28
N VAL B 586 4.46 -10.61 -0.35
CA VAL B 586 3.91 -11.96 -0.55
C VAL B 586 3.26 -12.23 -1.91
N VAL B 587 2.63 -11.23 -2.50
CA VAL B 587 2.11 -11.38 -3.86
C VAL B 587 3.07 -10.71 -4.82
N PRO B 588 3.74 -11.49 -5.66
CA PRO B 588 4.60 -10.95 -6.72
C PRO B 588 3.81 -10.00 -7.65
N ASP B 589 3.46 -8.83 -7.12
CA ASP B 589 2.65 -7.76 -7.75
C ASP B 589 2.27 -7.94 -9.22
N GLU B 590 1.39 -8.90 -9.48
CA GLU B 590 0.96 -9.22 -10.83
C GLU B 590 -0.49 -9.72 -10.77
N ARG B 591 -0.71 -11.02 -10.96
CA ARG B 591 -2.06 -11.57 -10.86
C ARG B 591 -2.56 -11.60 -9.41
N THR B 592 -3.85 -11.81 -9.22
CA THR B 592 -4.45 -11.94 -7.90
C THR B 592 -4.26 -13.40 -7.38
N PRO B 593 -3.88 -13.53 -6.12
CA PRO B 593 -3.76 -14.84 -5.46
C PRO B 593 -5.02 -15.71 -5.56
N ASP B 594 -4.84 -17.02 -5.49
CA ASP B 594 -5.96 -17.94 -5.40
C ASP B 594 -5.73 -18.92 -4.26
N ILE B 595 -5.98 -18.46 -3.03
CA ILE B 595 -5.76 -19.27 -1.86
C ILE B 595 -6.59 -20.58 -1.84
N SER B 596 -5.92 -21.68 -1.49
CA SER B 596 -6.52 -23.01 -1.51
C SER B 596 -7.18 -23.32 -0.17
N HIS B 597 -6.40 -23.21 0.89
CA HIS B 597 -6.89 -23.45 2.25
C HIS B 597 -5.95 -22.91 3.31
N PHE B 598 -6.43 -22.89 4.55
CA PHE B 598 -5.59 -22.53 5.70
C PHE B 598 -5.31 -23.86 6.39
N TYR B 599 -4.06 -24.13 6.77
CA TYR B 599 -3.72 -25.35 7.52
C TYR B 599 -3.42 -25.03 8.97
N VAL B 600 -3.88 -25.90 9.89
CA VAL B 600 -3.70 -25.70 11.34
C VAL B 600 -3.23 -26.98 12.06
N GLY B 601 -2.11 -26.89 12.75
CA GLY B 601 -1.57 -28.04 13.46
C GLY B 601 -1.02 -29.23 12.65
N GLY B 602 -0.41 -28.97 11.50
CA GLY B 602 0.04 -30.04 10.61
C GLY B 602 -0.53 -29.71 9.25
N TYR B 603 -0.37 -30.61 8.27
CA TYR B 603 -0.86 -30.38 6.91
C TYR B 603 -2.16 -31.17 6.62
N LYS B 604 -2.51 -32.08 7.51
CA LYS B 604 -3.58 -33.02 7.25
C LYS B 604 -3.40 -33.74 5.92
N ARG B 605 -2.15 -34.10 5.60
CA ARG B 605 -1.85 -34.84 4.36
C ARG B 605 -0.88 -36.03 4.54
N SER B 606 -1.36 -37.26 4.34
CA SER B 606 -0.45 -38.42 4.49
C SER B 606 0.68 -38.41 3.45
N GLY B 607 0.46 -37.70 2.36
CA GLY B 607 1.48 -37.52 1.33
C GLY B 607 2.74 -36.86 1.87
N MET B 608 2.60 -35.92 2.81
CA MET B 608 3.76 -35.23 3.34
C MET B 608 4.31 -36.04 4.50
N PRO B 609 5.63 -36.06 4.60
CA PRO B 609 6.33 -36.86 5.62
C PRO B 609 6.52 -36.16 6.98
N THR B 610 5.76 -35.13 7.29
CA THR B 610 5.95 -34.48 8.59
C THR B 610 5.12 -35.06 9.75
N ASP B 611 5.67 -34.91 10.95
CA ASP B 611 5.01 -35.32 12.20
C ASP B 611 4.98 -34.15 13.17
N SER B 612 3.80 -33.56 13.32
CA SER B 612 3.61 -32.43 14.22
C SER B 612 2.93 -32.85 15.53
N ARG B 613 3.62 -32.63 16.66
CA ARG B 613 3.06 -32.90 17.99
C ARG B 613 2.74 -31.57 18.60
N VAL B 614 1.48 -31.17 18.62
CA VAL B 614 1.14 -29.87 19.16
C VAL B 614 -0.33 -29.76 19.52
N THR B 615 -0.66 -28.69 20.26
CA THR B 615 -2.03 -28.39 20.68
C THR B 615 -2.44 -26.97 20.21
N VAL B 616 -3.66 -26.82 19.69
CA VAL B 616 -4.12 -25.47 19.26
C VAL B 616 -5.49 -25.10 19.84
N ASN B 617 -5.63 -23.87 20.35
CA ASN B 617 -6.90 -23.37 20.88
C ASN B 617 -7.32 -22.05 20.27
N ASN B 618 -8.63 -21.85 20.14
CA ASN B 618 -9.23 -20.54 19.80
C ASN B 618 -8.73 -19.81 18.54
N VAL B 619 -9.10 -20.38 17.39
CA VAL B 619 -8.70 -19.85 16.11
C VAL B 619 -9.76 -18.91 15.55
N LEU B 620 -9.33 -17.67 15.30
CA LEU B 620 -10.18 -16.61 14.79
C LEU B 620 -9.77 -16.18 13.38
N LEU B 621 -10.75 -15.78 12.54
CA LEU B 621 -10.47 -15.27 11.19
C LEU B 621 -11.23 -13.95 10.85
N TYR B 622 -10.49 -12.88 10.53
CA TYR B 622 -11.05 -11.55 10.23
C TYR B 622 -10.81 -11.12 8.74
N ASN B 623 -11.69 -10.28 8.19
CA ASN B 623 -11.61 -9.90 6.76
C ASN B 623 -10.88 -8.61 6.45
N ARG B 624 -9.92 -8.26 7.31
CA ARG B 624 -9.11 -7.05 7.18
C ARG B 624 -7.85 -7.17 8.03
N GLN B 625 -6.95 -6.21 7.93
CA GLN B 625 -5.72 -6.19 8.73
C GLN B 625 -6.00 -5.45 10.03
N LEU B 626 -6.00 -6.17 11.16
CA LEU B 626 -6.26 -5.56 12.48
C LEU B 626 -5.19 -4.57 12.81
N ASN B 627 -5.49 -3.61 13.68
CA ASN B 627 -4.46 -2.63 14.08
C ASN B 627 -3.69 -3.03 15.32
N ALA B 628 -2.64 -2.25 15.61
CA ALA B 628 -1.76 -2.43 16.80
C ALA B 628 -2.51 -2.68 18.10
N GLU B 629 -3.60 -1.94 18.31
CA GLU B 629 -4.34 -2.08 19.54
C GLU B 629 -5.14 -3.39 19.59
N GLU B 630 -5.84 -3.67 18.51
CA GLU B 630 -6.68 -4.86 18.42
C GLU B 630 -5.83 -6.14 18.66
N ILE B 631 -4.62 -6.13 18.13
CA ILE B 631 -3.68 -7.23 18.33
C ILE B 631 -3.30 -7.38 19.83
N ARG B 632 -2.89 -6.28 20.47
CA ARG B 632 -2.56 -6.31 21.89
C ARG B 632 -3.67 -6.81 22.82
N THR B 633 -4.90 -6.35 22.58
CA THR B 633 -6.01 -6.74 23.41
C THR B 633 -6.28 -8.25 23.27
N LEU B 634 -5.99 -8.81 22.09
CA LEU B 634 -6.21 -10.25 21.94
C LEU B 634 -5.14 -11.04 22.66
N PHE B 635 -3.96 -10.45 22.81
CA PHE B 635 -2.85 -11.08 23.51
C PHE B 635 -3.25 -11.28 24.97
N LEU B 636 -3.66 -10.17 25.57
CA LEU B 636 -3.98 -10.13 26.99
C LEU B 636 -5.19 -10.95 27.42
N SER B 637 -6.15 -11.13 26.53
CA SER B 637 -7.36 -11.83 26.96
C SER B 637 -7.51 -13.24 26.45
N GLN B 638 -6.42 -13.89 26.10
CA GLN B 638 -6.58 -15.21 25.51
C GLN B 638 -7.08 -16.24 26.51
N ASP B 639 -7.16 -15.89 27.78
CA ASP B 639 -7.70 -16.83 28.76
C ASP B 639 -9.23 -16.60 28.94
N LEU B 640 -9.79 -15.61 28.25
CA LEU B 640 -11.21 -15.27 28.43
C LEU B 640 -12.19 -15.54 27.25
N ILE B 641 -11.68 -15.68 26.05
CA ILE B 641 -12.57 -15.81 24.90
C ILE B 641 -13.19 -17.19 24.65
N GLY B 642 -12.72 -18.22 25.33
CA GLY B 642 -13.19 -19.58 25.07
C GLY B 642 -14.68 -19.91 25.18
N THR B 643 -15.15 -20.90 24.41
CA THR B 643 -16.53 -21.36 24.46
C THR B 643 -16.82 -22.58 25.37
N GLU B 644 -15.81 -23.15 26.02
CA GLU B 644 -16.00 -24.37 26.82
C GLU B 644 -17.17 -24.36 27.84
N ALA B 645 -17.53 -23.18 28.33
CA ALA B 645 -18.59 -23.10 29.34
C ALA B 645 -20.03 -23.22 28.85
N HIS B 646 -20.25 -22.98 27.55
CA HIS B 646 -21.62 -22.95 27.02
C HIS B 646 -22.06 -24.16 26.20
#